data_6GF2
#
_entry.id   6GF2
#
_entity_poly.entity_id   1
_entity_poly.type   'polypeptide(L)'
_entity_poly.pdbx_seq_one_letter_code
;GAMGDEELPLFLVESGDEAKRHLLQVRRSSSVAQVKAMIETKTGIIPETQIVTLNGKRLEDGKMMADYGIRKGNLLFLAS
YSIGG
;
_entity_poly.pdbx_strand_id   A
#
# COMPACT_ATOMS: atom_id res chain seq x y z
N GLY A 1 18.27 14.94 -8.33
CA GLY A 1 19.60 15.55 -8.56
C GLY A 1 20.32 14.92 -9.74
N ALA A 2 20.12 13.62 -9.93
CA ALA A 2 20.76 12.90 -11.03
C ALA A 2 19.84 11.80 -11.57
N MET A 3 20.30 11.12 -12.61
CA MET A 3 19.52 10.04 -13.22
C MET A 3 19.55 8.79 -12.36
N GLY A 4 18.37 8.36 -11.93
CA GLY A 4 18.26 7.17 -11.09
C GLY A 4 16.85 6.94 -10.59
N ASP A 5 16.37 5.71 -10.76
CA ASP A 5 15.02 5.36 -10.31
C ASP A 5 15.05 4.73 -8.92
N GLU A 6 14.36 5.38 -7.98
CA GLU A 6 14.30 4.89 -6.61
C GLU A 6 12.90 4.39 -6.28
N GLU A 7 11.91 5.27 -6.43
CA GLU A 7 10.53 4.93 -6.15
C GLU A 7 10.07 3.72 -6.98
N LEU A 8 9.09 2.99 -6.45
CA LEU A 8 8.57 1.81 -7.13
C LEU A 8 7.05 1.86 -7.22
N PRO A 9 6.47 1.46 -8.36
CA PRO A 9 5.01 1.48 -8.56
C PRO A 9 4.29 0.49 -7.66
N LEU A 10 2.97 0.61 -7.59
CA LEU A 10 2.16 -0.27 -6.76
C LEU A 10 0.76 -0.41 -7.32
N PHE A 11 0.07 -1.42 -6.83
CA PHE A 11 -1.30 -1.70 -7.27
C PHE A 11 -2.24 -1.80 -6.07
N LEU A 12 -3.27 -0.98 -6.07
CA LEU A 12 -4.24 -1.00 -4.97
C LEU A 12 -5.53 -1.68 -5.39
N VAL A 13 -5.83 -2.80 -4.74
CA VAL A 13 -7.04 -3.55 -5.04
C VAL A 13 -8.01 -3.49 -3.87
N GLU A 14 -9.10 -2.76 -4.03
CA GLU A 14 -10.09 -2.61 -2.98
C GLU A 14 -10.79 -3.93 -2.69
N SER A 15 -10.72 -4.37 -1.44
CA SER A 15 -11.33 -5.63 -1.02
C SER A 15 -12.84 -5.58 -1.18
N GLY A 16 -13.43 -4.45 -0.83
CA GLY A 16 -14.87 -4.30 -0.94
C GLY A 16 -15.35 -4.33 -2.38
N ASP A 17 -14.53 -3.81 -3.29
CA ASP A 17 -14.88 -3.77 -4.71
C ASP A 17 -13.63 -3.90 -5.56
N GLU A 18 -13.53 -5.02 -6.28
CA GLU A 18 -12.38 -5.27 -7.15
C GLU A 18 -12.31 -4.26 -8.28
N ALA A 19 -13.45 -3.62 -8.57
CA ALA A 19 -13.53 -2.63 -9.63
C ALA A 19 -12.66 -1.42 -9.32
N LYS A 20 -12.54 -1.09 -8.03
CA LYS A 20 -11.75 0.05 -7.61
C LYS A 20 -10.25 -0.27 -7.63
N ARG A 21 -9.59 0.13 -8.71
CA ARG A 21 -8.16 -0.11 -8.87
C ARG A 21 -7.40 1.20 -9.04
N HIS A 22 -6.29 1.35 -8.31
CA HIS A 22 -5.49 2.56 -8.36
C HIS A 22 -4.00 2.25 -8.27
N LEU A 23 -3.26 2.63 -9.30
CA LEU A 23 -1.82 2.43 -9.35
C LEU A 23 -1.10 3.65 -8.79
N LEU A 24 -0.29 3.43 -7.75
CA LEU A 24 0.43 4.53 -7.12
C LEU A 24 1.92 4.20 -6.98
N GLN A 25 2.75 5.18 -7.30
CA GLN A 25 4.19 5.00 -7.19
C GLN A 25 4.68 5.44 -5.82
N VAL A 26 5.34 4.54 -5.11
CA VAL A 26 5.87 4.82 -3.79
C VAL A 26 7.16 4.03 -3.55
N ARG A 27 8.15 4.66 -2.93
CA ARG A 27 9.41 4.00 -2.66
C ARG A 27 9.19 2.75 -1.81
N ARG A 28 10.04 1.76 -2.00
CA ARG A 28 9.95 0.53 -1.25
C ARG A 28 10.38 0.77 0.19
N SER A 29 11.34 1.67 0.36
CA SER A 29 11.84 2.01 1.69
C SER A 29 10.77 2.78 2.45
N SER A 30 9.72 3.19 1.73
CA SER A 30 8.63 3.93 2.35
C SER A 30 7.86 3.02 3.28
N SER A 31 7.63 3.48 4.49
CA SER A 31 6.90 2.69 5.45
C SER A 31 5.41 2.80 5.17
N VAL A 32 4.68 1.77 5.55
CA VAL A 32 3.24 1.72 5.35
C VAL A 32 2.57 3.02 5.77
N ALA A 33 3.16 3.70 6.75
CA ALA A 33 2.61 4.96 7.24
C ALA A 33 2.62 6.03 6.14
N GLN A 34 3.74 6.15 5.44
CA GLN A 34 3.87 7.15 4.38
C GLN A 34 3.17 6.68 3.12
N VAL A 35 3.27 5.39 2.86
CA VAL A 35 2.66 4.79 1.71
C VAL A 35 1.14 4.96 1.77
N LYS A 36 0.57 4.60 2.93
CA LYS A 36 -0.85 4.72 3.15
C LYS A 36 -1.25 6.18 3.16
N ALA A 37 -0.31 7.05 3.53
CA ALA A 37 -0.58 8.48 3.53
C ALA A 37 -1.05 8.86 2.14
N MET A 38 -0.39 8.29 1.14
CA MET A 38 -0.76 8.51 -0.24
C MET A 38 -2.09 7.81 -0.52
N ILE A 39 -2.23 6.61 0.03
CA ILE A 39 -3.46 5.83 -0.13
C ILE A 39 -4.67 6.66 0.27
N GLU A 40 -4.48 7.53 1.26
CA GLU A 40 -5.55 8.40 1.74
C GLU A 40 -5.76 9.55 0.78
N THR A 41 -4.67 10.02 0.20
CA THR A 41 -4.72 11.11 -0.76
C THR A 41 -5.56 10.72 -1.98
N LYS A 42 -5.70 9.42 -2.22
CA LYS A 42 -6.48 8.93 -3.35
C LYS A 42 -7.82 8.34 -2.91
N THR A 43 -7.82 7.59 -1.81
CA THR A 43 -9.07 6.98 -1.32
C THR A 43 -9.73 7.86 -0.27
N GLY A 44 -8.92 8.38 0.66
CA GLY A 44 -9.44 9.24 1.70
C GLY A 44 -9.72 8.50 2.99
N ILE A 45 -9.44 7.21 3.01
CA ILE A 45 -9.65 6.40 4.20
C ILE A 45 -8.53 6.61 5.21
N ILE A 46 -8.89 6.94 6.45
CA ILE A 46 -7.89 7.17 7.49
C ILE A 46 -6.94 5.98 7.66
N PRO A 47 -5.63 6.26 7.76
CA PRO A 47 -4.61 5.21 7.92
C PRO A 47 -4.90 4.28 9.09
N GLU A 48 -5.22 4.87 10.23
CA GLU A 48 -5.53 4.12 11.44
C GLU A 48 -6.56 3.02 11.23
N THR A 49 -7.27 3.07 10.11
CA THR A 49 -8.29 2.07 9.82
C THR A 49 -7.97 1.32 8.53
N GLN A 50 -7.06 1.87 7.73
CA GLN A 50 -6.68 1.26 6.47
C GLN A 50 -5.84 0.00 6.69
N ILE A 51 -6.42 -1.15 6.38
CA ILE A 51 -5.73 -2.41 6.52
C ILE A 51 -5.25 -2.92 5.17
N VAL A 52 -3.96 -2.71 4.90
CA VAL A 52 -3.38 -3.16 3.65
C VAL A 52 -2.69 -4.50 3.86
N THR A 53 -2.61 -5.30 2.81
CA THR A 53 -2.00 -6.61 2.90
C THR A 53 -1.18 -6.96 1.67
N LEU A 54 0.08 -7.26 1.91
CA LEU A 54 0.99 -7.66 0.87
C LEU A 54 0.78 -9.13 0.58
N ASN A 55 1.69 -9.74 -0.16
CA ASN A 55 1.57 -11.14 -0.49
C ASN A 55 1.45 -11.98 0.79
N GLY A 56 0.21 -12.31 1.16
CA GLY A 56 -0.06 -13.10 2.34
C GLY A 56 0.40 -12.46 3.64
N LYS A 57 0.96 -11.25 3.58
CA LYS A 57 1.42 -10.57 4.79
C LYS A 57 0.58 -9.35 5.10
N ARG A 58 0.52 -8.98 6.38
CA ARG A 58 -0.24 -7.81 6.81
C ARG A 58 0.69 -6.61 6.95
N LEU A 59 0.17 -5.45 6.60
CA LEU A 59 0.95 -4.21 6.67
C LEU A 59 0.93 -3.64 8.08
N GLU A 60 2.10 -3.63 8.71
CA GLU A 60 2.26 -3.14 10.07
C GLU A 60 2.89 -1.76 10.08
N ASP A 61 2.76 -1.06 11.21
CA ASP A 61 3.33 0.27 11.36
C ASP A 61 4.85 0.22 11.46
N GLY A 62 5.52 1.18 10.84
CA GLY A 62 6.97 1.21 10.86
C GLY A 62 7.59 0.26 9.85
N LYS A 63 6.77 -0.63 9.32
CA LYS A 63 7.23 -1.61 8.34
C LYS A 63 7.35 -0.96 6.96
N MET A 64 8.46 -1.23 6.28
CA MET A 64 8.68 -0.68 4.95
C MET A 64 8.29 -1.69 3.89
N MET A 65 7.95 -1.19 2.71
CA MET A 65 7.58 -2.07 1.60
C MET A 65 8.68 -3.10 1.38
N ALA A 66 9.93 -2.62 1.43
CA ALA A 66 11.09 -3.49 1.24
C ALA A 66 11.12 -4.60 2.29
N ASP A 67 10.58 -4.31 3.47
CA ASP A 67 10.53 -5.31 4.53
C ASP A 67 9.72 -6.52 4.10
N TYR A 68 8.81 -6.30 3.15
CA TYR A 68 7.96 -7.38 2.64
C TYR A 68 8.54 -7.97 1.36
N GLY A 69 9.72 -7.48 0.99
CA GLY A 69 10.37 -7.97 -0.22
C GLY A 69 9.51 -7.75 -1.45
N ILE A 70 8.86 -6.59 -1.51
CA ILE A 70 8.01 -6.26 -2.65
C ILE A 70 8.81 -6.03 -3.91
N ARG A 71 8.10 -5.76 -5.00
CA ARG A 71 8.71 -5.53 -6.29
C ARG A 71 8.14 -4.29 -6.97
N LYS A 72 8.73 -3.92 -8.10
CA LYS A 72 8.26 -2.76 -8.85
C LYS A 72 6.84 -3.01 -9.33
N GLY A 73 5.89 -2.26 -8.77
CA GLY A 73 4.51 -2.45 -9.14
C GLY A 73 3.94 -3.70 -8.51
N ASN A 74 4.18 -3.85 -7.20
CA ASN A 74 3.69 -5.02 -6.47
C ASN A 74 2.20 -4.91 -6.19
N LEU A 75 1.56 -6.06 -6.04
CA LEU A 75 0.13 -6.10 -5.76
C LEU A 75 -0.16 -5.81 -4.29
N LEU A 76 -1.14 -4.96 -4.05
CA LEU A 76 -1.54 -4.59 -2.69
C LEU A 76 -3.05 -4.73 -2.53
N PHE A 77 -3.47 -5.24 -1.39
CA PHE A 77 -4.91 -5.41 -1.13
C PHE A 77 -5.36 -4.43 -0.05
N LEU A 78 -6.29 -3.54 -0.42
CA LEU A 78 -6.79 -2.54 0.50
C LEU A 78 -8.01 -3.05 1.28
N ALA A 79 -8.04 -2.75 2.57
CA ALA A 79 -9.15 -3.16 3.44
C ALA A 79 -9.44 -2.08 4.47
N SER A 80 -10.55 -2.25 5.20
CA SER A 80 -10.94 -1.28 6.22
C SER A 80 -11.53 -1.96 7.44
N TYR A 81 -11.24 -1.44 8.62
CA TYR A 81 -11.75 -2.01 9.87
C TYR A 81 -13.27 -2.06 9.86
N SER A 82 -13.84 -3.01 10.59
CA SER A 82 -15.28 -3.17 10.66
C SER A 82 -15.76 -3.02 12.10
N ILE A 83 -17.09 -3.03 12.29
CA ILE A 83 -17.67 -2.89 13.61
C ILE A 83 -17.64 -4.23 14.36
N GLY A 84 -18.52 -5.14 13.97
CA GLY A 84 -18.57 -6.44 14.63
C GLY A 84 -19.23 -6.37 15.99
N GLY A 85 -18.41 -6.30 17.04
CA GLY A 85 -18.93 -6.23 18.38
C GLY A 85 -19.50 -7.56 18.86
N GLY A 1 20.77 4.62 -15.33
CA GLY A 1 21.49 4.67 -16.63
C GLY A 1 21.99 6.06 -16.96
N ALA A 2 21.22 7.07 -16.57
CA ALA A 2 21.58 8.46 -16.83
C ALA A 2 21.06 9.38 -15.73
N MET A 3 20.28 8.81 -14.81
CA MET A 3 19.73 9.59 -13.71
C MET A 3 19.72 8.77 -12.42
N GLY A 4 18.91 7.70 -12.41
CA GLY A 4 18.83 6.85 -11.24
C GLY A 4 17.40 6.50 -10.88
N ASP A 5 17.18 5.26 -10.43
CA ASP A 5 15.85 4.80 -10.05
C ASP A 5 15.71 4.74 -8.54
N GLU A 6 14.64 5.33 -8.01
CA GLU A 6 14.39 5.34 -6.58
C GLU A 6 12.98 4.85 -6.27
N GLU A 7 11.99 5.68 -6.60
CA GLU A 7 10.60 5.33 -6.36
C GLU A 7 10.21 4.09 -7.18
N LEU A 8 9.21 3.37 -6.70
CA LEU A 8 8.74 2.17 -7.39
C LEU A 8 7.22 2.17 -7.52
N PRO A 9 6.67 1.44 -8.50
CA PRO A 9 5.24 1.37 -8.74
C PRO A 9 4.54 0.47 -7.72
N LEU A 10 3.22 0.59 -7.64
CA LEU A 10 2.43 -0.22 -6.72
C LEU A 10 1.03 -0.46 -7.27
N PHE A 11 0.29 -1.34 -6.61
CA PHE A 11 -1.07 -1.67 -7.02
C PHE A 11 -2.05 -1.61 -5.86
N LEU A 12 -3.05 -0.75 -5.98
CA LEU A 12 -4.05 -0.63 -4.94
C LEU A 12 -5.29 -1.45 -5.32
N VAL A 13 -5.42 -2.64 -4.73
CA VAL A 13 -6.56 -3.49 -5.02
C VAL A 13 -7.64 -3.34 -3.95
N GLU A 14 -8.74 -2.71 -4.34
CA GLU A 14 -9.84 -2.47 -3.41
C GLU A 14 -10.50 -3.79 -2.99
N SER A 15 -10.71 -3.94 -1.69
CA SER A 15 -11.33 -5.14 -1.14
C SER A 15 -12.78 -5.27 -1.60
N GLY A 16 -13.51 -4.17 -1.54
CA GLY A 16 -14.90 -4.20 -1.95
C GLY A 16 -15.05 -4.53 -3.42
N ASP A 17 -14.05 -4.14 -4.21
CA ASP A 17 -14.06 -4.39 -5.64
C ASP A 17 -12.64 -4.53 -6.17
N GLU A 18 -12.21 -5.77 -6.39
CA GLU A 18 -10.86 -6.04 -6.89
C GLU A 18 -10.65 -5.41 -8.27
N ALA A 19 -11.75 -5.00 -8.89
CA ALA A 19 -11.69 -4.38 -10.21
C ALA A 19 -11.08 -2.99 -10.15
N LYS A 20 -11.18 -2.35 -8.98
CA LYS A 20 -10.64 -1.01 -8.79
C LYS A 20 -9.16 -1.06 -8.43
N ARG A 21 -8.30 -0.99 -9.45
CA ARG A 21 -6.86 -1.01 -9.23
C ARG A 21 -6.25 0.34 -9.56
N HIS A 22 -5.47 0.87 -8.62
CA HIS A 22 -4.85 2.16 -8.80
C HIS A 22 -3.35 2.05 -8.56
N LEU A 23 -2.58 2.27 -9.61
CA LEU A 23 -1.13 2.19 -9.52
C LEU A 23 -0.55 3.46 -8.94
N LEU A 24 0.27 3.32 -7.91
CA LEU A 24 0.89 4.48 -7.27
C LEU A 24 2.40 4.34 -7.23
N GLN A 25 3.08 5.46 -7.47
CA GLN A 25 4.53 5.51 -7.48
C GLN A 25 5.10 5.91 -6.12
N VAL A 26 5.46 4.92 -5.35
CA VAL A 26 6.01 5.12 -4.02
C VAL A 26 7.22 4.22 -3.79
N ARG A 27 8.21 4.73 -3.08
CA ARG A 27 9.44 3.97 -2.82
C ARG A 27 9.18 2.75 -1.95
N ARG A 28 10.00 1.73 -2.15
CA ARG A 28 9.90 0.50 -1.39
C ARG A 28 10.38 0.72 0.03
N SER A 29 11.39 1.58 0.18
CA SER A 29 11.93 1.88 1.49
C SER A 29 10.92 2.68 2.28
N SER A 30 9.86 3.11 1.61
CA SER A 30 8.80 3.85 2.28
C SER A 30 8.05 2.92 3.20
N SER A 31 7.64 3.43 4.34
CA SER A 31 6.90 2.61 5.29
C SER A 31 5.41 2.73 5.03
N VAL A 32 4.70 1.67 5.39
CA VAL A 32 3.25 1.61 5.22
C VAL A 32 2.57 2.90 5.67
N ALA A 33 3.16 3.57 6.66
CA ALA A 33 2.58 4.81 7.18
C ALA A 33 2.53 5.91 6.12
N GLN A 34 3.64 6.12 5.42
CA GLN A 34 3.72 7.14 4.39
C GLN A 34 3.05 6.68 3.10
N VAL A 35 3.24 5.40 2.81
CA VAL A 35 2.68 4.81 1.62
C VAL A 35 1.16 4.88 1.66
N LYS A 36 0.60 4.40 2.76
CA LYS A 36 -0.83 4.42 2.97
C LYS A 36 -1.31 5.85 3.10
N ALA A 37 -0.43 6.74 3.56
CA ALA A 37 -0.78 8.14 3.66
C ALA A 37 -1.24 8.60 2.29
N MET A 38 -0.56 8.08 1.27
CA MET A 38 -0.90 8.36 -0.11
C MET A 38 -2.23 7.69 -0.42
N ILE A 39 -2.36 6.44 0.06
CA ILE A 39 -3.57 5.66 -0.15
C ILE A 39 -4.80 6.44 0.33
N GLU A 40 -4.61 7.25 1.38
CA GLU A 40 -5.70 8.07 1.91
C GLU A 40 -5.92 9.26 1.00
N THR A 41 -4.84 9.76 0.42
CA THR A 41 -4.91 10.88 -0.49
C THR A 41 -5.78 10.57 -1.70
N LYS A 42 -5.93 9.27 -1.98
CA LYS A 42 -6.75 8.84 -3.11
C LYS A 42 -8.10 8.25 -2.66
N THR A 43 -8.07 7.36 -1.67
CA THR A 43 -9.30 6.74 -1.17
C THR A 43 -9.93 7.59 -0.07
N GLY A 44 -9.10 8.08 0.86
CA GLY A 44 -9.59 8.92 1.94
C GLY A 44 -9.83 8.15 3.23
N ILE A 45 -9.21 6.99 3.37
CA ILE A 45 -9.35 6.18 4.56
C ILE A 45 -8.24 6.49 5.56
N ILE A 46 -8.61 6.90 6.77
CA ILE A 46 -7.63 7.22 7.79
C ILE A 46 -6.69 6.04 8.06
N PRO A 47 -5.37 6.31 8.15
CA PRO A 47 -4.36 5.28 8.38
C PRO A 47 -4.69 4.36 9.56
N GLU A 48 -5.05 4.98 10.68
CA GLU A 48 -5.38 4.26 11.89
C GLU A 48 -6.43 3.17 11.67
N THR A 49 -7.10 3.20 10.52
CA THR A 49 -8.14 2.21 10.23
C THR A 49 -7.83 1.43 8.95
N GLN A 50 -6.86 1.93 8.18
CA GLN A 50 -6.47 1.30 6.93
C GLN A 50 -5.86 -0.09 7.16
N ILE A 51 -6.56 -1.12 6.70
CA ILE A 51 -6.08 -2.49 6.82
C ILE A 51 -5.62 -2.98 5.46
N VAL A 52 -4.31 -2.93 5.24
CA VAL A 52 -3.74 -3.37 3.98
C VAL A 52 -3.04 -4.72 4.15
N THR A 53 -2.78 -5.33 3.02
CA THR A 53 -2.16 -6.65 3.00
C THR A 53 -1.31 -6.90 1.77
N LEU A 54 -0.12 -7.42 2.01
CA LEU A 54 0.80 -7.76 0.94
C LEU A 54 0.64 -9.25 0.64
N ASN A 55 1.62 -9.82 -0.04
CA ASN A 55 1.55 -11.24 -0.36
C ASN A 55 1.42 -12.07 0.92
N GLY A 56 0.19 -12.43 1.25
CA GLY A 56 -0.08 -13.23 2.44
C GLY A 56 0.45 -12.59 3.72
N LYS A 57 0.87 -11.33 3.64
CA LYS A 57 1.38 -10.63 4.81
C LYS A 57 0.51 -9.44 5.18
N ARG A 58 0.58 -9.05 6.45
CA ARG A 58 -0.17 -7.91 6.95
C ARG A 58 0.74 -6.69 7.04
N LEU A 59 0.21 -5.53 6.73
CA LEU A 59 0.99 -4.30 6.77
C LEU A 59 1.00 -3.70 8.17
N GLU A 60 2.19 -3.65 8.76
CA GLU A 60 2.36 -3.11 10.10
C GLU A 60 2.91 -1.69 10.05
N ASP A 61 2.41 -0.84 10.95
CA ASP A 61 2.85 0.55 11.01
C ASP A 61 4.34 0.65 11.30
N GLY A 62 5.06 1.38 10.45
CA GLY A 62 6.49 1.54 10.64
C GLY A 62 7.31 0.69 9.70
N LYS A 63 6.77 -0.46 9.29
CA LYS A 63 7.47 -1.36 8.39
C LYS A 63 7.55 -0.79 6.98
N MET A 64 8.59 -1.14 6.26
CA MET A 64 8.79 -0.64 4.90
C MET A 64 8.35 -1.67 3.86
N MET A 65 7.97 -1.18 2.69
CA MET A 65 7.55 -2.07 1.61
C MET A 65 8.64 -3.10 1.33
N ALA A 66 9.89 -2.62 1.32
CA ALA A 66 11.03 -3.49 1.07
C ALA A 66 11.11 -4.60 2.09
N ASP A 67 10.63 -4.32 3.31
CA ASP A 67 10.63 -5.32 4.36
C ASP A 67 9.76 -6.52 3.96
N TYR A 68 8.80 -6.26 3.08
CA TYR A 68 7.89 -7.30 2.60
C TYR A 68 8.43 -7.90 1.31
N GLY A 69 9.63 -7.50 0.93
CA GLY A 69 10.23 -8.00 -0.29
C GLY A 69 9.35 -7.78 -1.49
N ILE A 70 8.71 -6.61 -1.55
CA ILE A 70 7.82 -6.29 -2.66
C ILE A 70 8.61 -6.07 -3.95
N ARG A 71 7.89 -5.88 -5.04
CA ARG A 71 8.51 -5.67 -6.34
C ARG A 71 7.93 -4.45 -7.03
N LYS A 72 8.58 -4.04 -8.13
CA LYS A 72 8.12 -2.89 -8.89
C LYS A 72 6.68 -3.12 -9.33
N GLY A 73 5.77 -2.37 -8.72
CA GLY A 73 4.36 -2.52 -9.05
C GLY A 73 3.78 -3.74 -8.39
N ASN A 74 4.02 -3.87 -7.08
CA ASN A 74 3.51 -5.01 -6.34
C ASN A 74 2.04 -4.84 -5.96
N LEU A 75 1.38 -5.96 -5.72
CA LEU A 75 -0.03 -5.97 -5.35
C LEU A 75 -0.25 -5.65 -3.87
N LEU A 76 -1.09 -4.66 -3.60
CA LEU A 76 -1.41 -4.26 -2.24
C LEU A 76 -2.92 -4.17 -2.06
N PHE A 77 -3.49 -5.15 -1.38
CA PHE A 77 -4.94 -5.16 -1.14
C PHE A 77 -5.32 -4.17 -0.04
N LEU A 78 -6.23 -3.25 -0.38
CA LEU A 78 -6.68 -2.25 0.58
C LEU A 78 -7.98 -2.68 1.25
N ALA A 79 -8.06 -2.43 2.55
CA ALA A 79 -9.23 -2.78 3.34
C ALA A 79 -9.38 -1.84 4.52
N SER A 80 -10.49 -1.95 5.24
CA SER A 80 -10.72 -1.11 6.41
C SER A 80 -11.12 -1.95 7.61
N TYR A 81 -10.98 -1.36 8.80
CA TYR A 81 -11.33 -2.06 10.04
C TYR A 81 -12.66 -2.79 9.92
N SER A 82 -12.61 -4.12 9.94
CA SER A 82 -13.81 -4.94 9.81
C SER A 82 -13.63 -6.27 10.54
N ILE A 83 -12.41 -6.79 10.51
CA ILE A 83 -12.11 -8.07 11.16
C ILE A 83 -10.89 -7.94 12.07
N GLY A 84 -9.85 -7.30 11.56
CA GLY A 84 -8.63 -7.12 12.34
C GLY A 84 -8.84 -6.25 13.57
N GLY A 85 -9.17 -6.90 14.69
CA GLY A 85 -9.40 -6.16 15.92
C GLY A 85 -9.76 -7.08 17.08
N GLY A 1 25.95 2.62 -7.76
CA GLY A 1 25.43 1.44 -7.02
C GLY A 1 24.81 0.41 -7.94
N ALA A 2 23.66 -0.12 -7.55
CA ALA A 2 22.96 -1.12 -8.35
C ALA A 2 22.03 -0.47 -9.37
N MET A 3 20.92 0.06 -8.88
CA MET A 3 19.93 0.72 -9.73
C MET A 3 19.82 2.20 -9.38
N GLY A 4 19.76 3.04 -10.41
CA GLY A 4 19.65 4.47 -10.19
C GLY A 4 18.28 4.88 -9.69
N ASP A 5 17.25 4.13 -10.09
CA ASP A 5 15.88 4.41 -9.67
C ASP A 5 15.68 4.09 -8.20
N GLU A 6 14.83 4.86 -7.54
CA GLU A 6 14.54 4.65 -6.13
C GLU A 6 13.08 4.29 -5.92
N GLU A 7 12.19 5.17 -6.37
CA GLU A 7 10.76 4.94 -6.24
C GLU A 7 10.31 3.74 -7.05
N LEU A 8 9.28 3.05 -6.57
CA LEU A 8 8.77 1.87 -7.26
C LEU A 8 7.26 1.97 -7.45
N PRO A 9 6.69 1.19 -8.39
CA PRO A 9 5.25 1.20 -8.67
C PRO A 9 4.48 0.29 -7.73
N LEU A 10 3.17 0.51 -7.63
CA LEU A 10 2.34 -0.30 -6.76
C LEU A 10 0.93 -0.42 -7.31
N PHE A 11 0.19 -1.37 -6.77
CA PHE A 11 -1.17 -1.63 -7.20
C PHE A 11 -2.13 -1.72 -6.02
N LEU A 12 -2.94 -0.69 -5.84
CA LEU A 12 -3.91 -0.65 -4.76
C LEU A 12 -5.20 -1.35 -5.20
N VAL A 13 -5.37 -2.59 -4.76
CA VAL A 13 -6.55 -3.37 -5.12
C VAL A 13 -7.63 -3.29 -4.04
N GLU A 14 -8.73 -2.61 -4.35
CA GLU A 14 -9.83 -2.47 -3.40
C GLU A 14 -10.45 -3.82 -3.08
N SER A 15 -10.46 -4.17 -1.80
CA SER A 15 -11.02 -5.44 -1.36
C SER A 15 -12.48 -5.59 -1.76
N GLY A 16 -13.25 -4.53 -1.52
CA GLY A 16 -14.67 -4.56 -1.87
C GLY A 16 -14.89 -4.79 -3.34
N ASP A 17 -14.09 -4.14 -4.17
CA ASP A 17 -14.19 -4.26 -5.62
C ASP A 17 -12.83 -4.16 -6.28
N GLU A 18 -12.35 -5.26 -6.84
CA GLU A 18 -11.05 -5.29 -7.50
C GLU A 18 -10.98 -4.27 -8.61
N ALA A 19 -12.14 -3.95 -9.17
CA ALA A 19 -12.22 -2.97 -10.26
C ALA A 19 -11.77 -1.60 -9.80
N LYS A 20 -12.06 -1.26 -8.55
CA LYS A 20 -11.69 0.02 -7.98
C LYS A 20 -10.24 0.01 -7.50
N ARG A 21 -9.32 -0.34 -8.41
CA ARG A 21 -7.91 -0.39 -8.07
C ARG A 21 -7.18 0.82 -8.65
N HIS A 22 -6.05 1.20 -8.04
CA HIS A 22 -5.30 2.37 -8.49
C HIS A 22 -3.79 2.14 -8.37
N LEU A 23 -3.07 2.44 -9.44
CA LEU A 23 -1.62 2.30 -9.47
C LEU A 23 -0.95 3.55 -8.92
N LEU A 24 -0.14 3.38 -7.89
CA LEU A 24 0.56 4.51 -7.29
C LEU A 24 2.04 4.19 -7.14
N GLN A 25 2.88 5.18 -7.44
CA GLN A 25 4.32 5.00 -7.34
C GLN A 25 4.84 5.57 -6.03
N VAL A 26 5.48 4.71 -5.24
CA VAL A 26 6.05 5.10 -3.95
C VAL A 26 7.28 4.24 -3.66
N ARG A 27 8.25 4.80 -2.95
CA ARG A 27 9.46 4.07 -2.62
C ARG A 27 9.18 2.85 -1.75
N ARG A 28 9.91 1.78 -2.00
CA ARG A 28 9.77 0.56 -1.22
C ARG A 28 10.25 0.79 0.20
N SER A 29 11.28 1.62 0.33
CA SER A 29 11.84 1.93 1.64
C SER A 29 10.84 2.75 2.44
N SER A 30 9.80 3.23 1.76
CA SER A 30 8.77 4.00 2.43
C SER A 30 7.97 3.09 3.33
N SER A 31 7.78 3.52 4.56
CA SER A 31 7.01 2.71 5.48
C SER A 31 5.53 2.80 5.13
N VAL A 32 4.80 1.76 5.50
CA VAL A 32 3.38 1.67 5.24
C VAL A 32 2.66 2.97 5.59
N ALA A 33 3.16 3.68 6.60
CA ALA A 33 2.54 4.93 7.02
C ALA A 33 2.58 6.00 5.92
N GLN A 34 3.67 6.05 5.17
CA GLN A 34 3.82 7.03 4.11
C GLN A 34 3.03 6.64 2.87
N VAL A 35 3.17 5.38 2.45
CA VAL A 35 2.48 4.88 1.29
C VAL A 35 0.97 4.98 1.48
N LYS A 36 0.51 4.56 2.64
CA LYS A 36 -0.91 4.62 2.98
C LYS A 36 -1.36 6.06 3.10
N ALA A 37 -0.45 6.94 3.51
CA ALA A 37 -0.78 8.36 3.62
C ALA A 37 -1.32 8.82 2.28
N MET A 38 -0.65 8.36 1.22
CA MET A 38 -1.08 8.67 -0.14
C MET A 38 -2.39 7.97 -0.42
N ILE A 39 -2.50 6.72 0.05
CA ILE A 39 -3.71 5.94 -0.14
C ILE A 39 -4.92 6.70 0.40
N GLU A 40 -4.69 7.53 1.41
CA GLU A 40 -5.75 8.34 2.00
C GLU A 40 -6.03 9.54 1.10
N THR A 41 -4.98 10.06 0.50
CA THR A 41 -5.10 11.19 -0.40
C THR A 41 -5.98 10.86 -1.60
N LYS A 42 -6.12 9.57 -1.90
CA LYS A 42 -6.94 9.12 -3.02
C LYS A 42 -8.26 8.50 -2.56
N THR A 43 -8.20 7.57 -1.62
CA THR A 43 -9.40 6.90 -1.12
C THR A 43 -10.02 7.68 0.04
N GLY A 44 -9.17 8.21 0.92
CA GLY A 44 -9.67 8.97 2.05
C GLY A 44 -9.78 8.15 3.31
N ILE A 45 -9.13 6.99 3.34
CA ILE A 45 -9.16 6.12 4.50
C ILE A 45 -8.02 6.46 5.46
N ILE A 46 -8.34 6.57 6.74
CA ILE A 46 -7.34 6.89 7.75
C ILE A 46 -6.46 5.68 8.07
N PRO A 47 -5.14 5.90 8.29
CA PRO A 47 -4.19 4.82 8.60
C PRO A 47 -4.63 3.92 9.74
N GLU A 48 -5.00 4.52 10.86
CA GLU A 48 -5.44 3.77 12.04
C GLU A 48 -6.54 2.76 11.70
N THR A 49 -7.13 2.91 10.52
CA THR A 49 -8.19 2.02 10.08
C THR A 49 -7.81 1.30 8.79
N GLN A 50 -6.80 1.84 8.10
CA GLN A 50 -6.33 1.27 6.85
C GLN A 50 -5.59 -0.05 7.05
N ILE A 51 -6.22 -1.14 6.61
CA ILE A 51 -5.61 -2.46 6.69
C ILE A 51 -5.16 -2.93 5.31
N VAL A 52 -3.87 -2.78 5.01
CA VAL A 52 -3.35 -3.21 3.75
C VAL A 52 -2.72 -4.59 3.90
N THR A 53 -2.71 -5.36 2.83
CA THR A 53 -2.14 -6.71 2.87
C THR A 53 -1.34 -7.03 1.63
N LEU A 54 -0.09 -7.38 1.85
CA LEU A 54 0.80 -7.76 0.78
C LEU A 54 0.63 -9.25 0.49
N ASN A 55 1.60 -9.83 -0.19
CA ASN A 55 1.52 -11.25 -0.51
C ASN A 55 1.45 -12.08 0.77
N GLY A 56 0.24 -12.45 1.16
CA GLY A 56 0.03 -13.23 2.36
C GLY A 56 0.55 -12.57 3.62
N LYS A 57 0.90 -11.29 3.53
CA LYS A 57 1.41 -10.55 4.69
C LYS A 57 0.51 -9.37 5.04
N ARG A 58 0.59 -8.96 6.30
CA ARG A 58 -0.18 -7.82 6.78
C ARG A 58 0.70 -6.60 6.92
N LEU A 59 0.17 -5.44 6.57
CA LEU A 59 0.93 -4.20 6.64
C LEU A 59 0.86 -3.60 8.04
N GLU A 60 2.02 -3.54 8.68
CA GLU A 60 2.13 -3.00 10.03
C GLU A 60 2.83 -1.65 10.03
N ASP A 61 2.44 -0.79 10.97
CA ASP A 61 3.02 0.53 11.09
C ASP A 61 4.50 0.44 11.45
N GLY A 62 5.33 1.25 10.78
CA GLY A 62 6.75 1.24 11.05
C GLY A 62 7.51 0.36 10.06
N LYS A 63 6.81 -0.60 9.47
CA LYS A 63 7.43 -1.50 8.51
C LYS A 63 7.52 -0.85 7.14
N MET A 64 8.56 -1.19 6.39
CA MET A 64 8.75 -0.65 5.06
C MET A 64 8.29 -1.63 4.01
N MET A 65 7.86 -1.12 2.86
CA MET A 65 7.42 -1.99 1.78
C MET A 65 8.51 -2.99 1.44
N ALA A 66 9.74 -2.50 1.43
CA ALA A 66 10.91 -3.33 1.13
C ALA A 66 10.99 -4.51 2.08
N ASP A 67 10.58 -4.30 3.33
CA ASP A 67 10.61 -5.35 4.34
C ASP A 67 9.73 -6.52 3.92
N TYR A 68 8.73 -6.25 3.08
CA TYR A 68 7.82 -7.29 2.61
C TYR A 68 8.33 -7.96 1.34
N GLY A 69 9.57 -7.67 0.97
CA GLY A 69 10.13 -8.25 -0.23
C GLY A 69 9.25 -8.05 -1.43
N ILE A 70 8.70 -6.84 -1.56
CA ILE A 70 7.83 -6.50 -2.67
C ILE A 70 8.59 -6.46 -3.99
N ARG A 71 7.87 -6.18 -5.07
CA ARG A 71 8.44 -6.10 -6.40
C ARG A 71 7.98 -4.83 -7.10
N LYS A 72 8.74 -4.41 -8.12
CA LYS A 72 8.38 -3.22 -8.88
C LYS A 72 6.94 -3.35 -9.37
N GLY A 73 6.04 -2.55 -8.79
CA GLY A 73 4.65 -2.64 -9.16
C GLY A 73 3.99 -3.83 -8.50
N ASN A 74 4.22 -3.97 -7.19
CA ASN A 74 3.66 -5.09 -6.43
C ASN A 74 2.18 -4.87 -6.14
N LEU A 75 1.50 -5.94 -5.77
CA LEU A 75 0.08 -5.89 -5.46
C LEU A 75 -0.17 -5.69 -3.97
N LEU A 76 -1.04 -4.72 -3.66
CA LEU A 76 -1.38 -4.42 -2.27
C LEU A 76 -2.89 -4.28 -2.13
N PHE A 77 -3.50 -5.18 -1.39
CA PHE A 77 -4.94 -5.16 -1.19
C PHE A 77 -5.33 -4.20 -0.07
N LEU A 78 -6.25 -3.29 -0.36
CA LEU A 78 -6.70 -2.31 0.62
C LEU A 78 -7.93 -2.80 1.38
N ALA A 79 -7.95 -2.55 2.68
CA ALA A 79 -9.06 -2.95 3.54
C ALA A 79 -9.22 -1.95 4.68
N SER A 80 -10.30 -2.09 5.45
CA SER A 80 -10.52 -1.19 6.58
C SER A 80 -11.30 -1.89 7.69
N TYR A 81 -11.05 -1.47 8.93
CA TYR A 81 -11.72 -2.04 10.09
C TYR A 81 -13.24 -1.91 9.94
N SER A 82 -13.93 -3.04 9.87
CA SER A 82 -15.38 -3.04 9.72
C SER A 82 -16.02 -4.11 10.60
N ILE A 83 -17.34 -4.08 10.68
CA ILE A 83 -18.09 -5.04 11.48
C ILE A 83 -17.93 -6.46 10.93
N GLY A 84 -18.02 -6.58 9.60
CA GLY A 84 -17.88 -7.87 8.97
C GLY A 84 -16.73 -7.93 8.00
N GLY A 85 -16.04 -9.07 7.96
CA GLY A 85 -14.90 -9.21 7.07
C GLY A 85 -13.60 -8.82 7.72
N GLY A 1 16.46 9.91 -13.73
CA GLY A 1 17.12 10.55 -14.90
C GLY A 1 17.47 9.56 -15.99
N ALA A 2 18.67 8.98 -15.88
CA ALA A 2 19.13 8.01 -16.86
C ALA A 2 19.87 6.86 -16.19
N MET A 3 20.16 7.03 -14.90
CA MET A 3 20.86 6.00 -14.13
C MET A 3 19.89 5.10 -13.39
N GLY A 4 18.62 5.51 -13.36
CA GLY A 4 17.60 4.73 -12.68
C GLY A 4 16.93 5.49 -11.56
N ASP A 5 15.95 4.86 -10.92
CA ASP A 5 15.21 5.49 -9.83
C ASP A 5 15.08 4.53 -8.65
N GLU A 6 14.66 5.06 -7.51
CA GLU A 6 14.49 4.25 -6.30
C GLU A 6 13.02 3.92 -6.05
N GLU A 7 12.15 4.89 -6.34
CA GLU A 7 10.71 4.71 -6.15
C GLU A 7 10.20 3.54 -6.99
N LEU A 8 9.35 2.71 -6.38
CA LEU A 8 8.78 1.57 -7.08
C LEU A 8 7.27 1.69 -7.21
N PRO A 9 6.69 1.27 -8.34
CA PRO A 9 5.24 1.35 -8.57
C PRO A 9 4.46 0.40 -7.68
N LEU A 10 3.14 0.59 -7.62
CA LEU A 10 2.30 -0.26 -6.80
C LEU A 10 0.90 -0.37 -7.39
N PHE A 11 0.16 -1.34 -6.91
CA PHE A 11 -1.20 -1.59 -7.40
C PHE A 11 -2.20 -1.66 -6.25
N LEU A 12 -3.07 -0.67 -6.16
CA LEU A 12 -4.07 -0.63 -5.12
C LEU A 12 -5.35 -1.35 -5.57
N VAL A 13 -5.69 -2.43 -4.87
CA VAL A 13 -6.88 -3.21 -5.17
C VAL A 13 -7.84 -3.20 -4.00
N GLU A 14 -8.95 -2.49 -4.16
CA GLU A 14 -9.96 -2.39 -3.11
C GLU A 14 -10.61 -3.74 -2.84
N SER A 15 -10.58 -4.15 -1.57
CA SER A 15 -11.17 -5.42 -1.16
C SER A 15 -12.69 -5.41 -1.33
N GLY A 16 -13.30 -4.27 -1.06
CA GLY A 16 -14.74 -4.15 -1.20
C GLY A 16 -15.19 -4.24 -2.64
N ASP A 17 -14.43 -3.64 -3.53
CA ASP A 17 -14.75 -3.65 -4.95
C ASP A 17 -13.49 -3.74 -5.80
N GLU A 18 -13.32 -4.88 -6.47
CA GLU A 18 -12.16 -5.10 -7.32
C GLU A 18 -12.12 -4.12 -8.48
N ALA A 19 -13.24 -3.45 -8.72
CA ALA A 19 -13.35 -2.48 -9.79
C ALA A 19 -12.45 -1.27 -9.54
N LYS A 20 -12.29 -0.93 -8.25
CA LYS A 20 -11.46 0.20 -7.86
C LYS A 20 -9.98 -0.15 -7.98
N ARG A 21 -9.34 0.36 -9.04
CA ARG A 21 -7.92 0.10 -9.26
C ARG A 21 -7.15 1.40 -9.45
N HIS A 22 -6.07 1.55 -8.67
CA HIS A 22 -5.25 2.76 -8.72
C HIS A 22 -3.77 2.45 -8.57
N LEU A 23 -2.99 2.75 -9.62
CA LEU A 23 -1.55 2.51 -9.60
C LEU A 23 -0.83 3.73 -9.03
N LEU A 24 -0.07 3.49 -7.97
CA LEU A 24 0.68 4.56 -7.32
C LEU A 24 2.12 4.15 -7.09
N GLN A 25 3.04 5.04 -7.43
CA GLN A 25 4.45 4.74 -7.25
C GLN A 25 4.99 5.34 -5.95
N VAL A 26 5.62 4.51 -5.14
CA VAL A 26 6.20 4.93 -3.88
C VAL A 26 7.44 4.09 -3.58
N ARG A 27 8.41 4.68 -2.89
CA ARG A 27 9.65 3.96 -2.55
C ARG A 27 9.36 2.71 -1.74
N ARG A 28 10.09 1.64 -2.04
CA ARG A 28 9.94 0.40 -1.30
C ARG A 28 10.40 0.61 0.13
N SER A 29 11.39 1.47 0.30
CA SER A 29 11.91 1.78 1.62
C SER A 29 10.88 2.58 2.40
N SER A 30 9.86 3.05 1.70
CA SER A 30 8.80 3.82 2.35
C SER A 30 8.02 2.90 3.26
N SER A 31 7.59 3.43 4.39
CA SER A 31 6.83 2.63 5.32
C SER A 31 5.34 2.74 4.99
N VAL A 32 4.60 1.72 5.38
CA VAL A 32 3.18 1.65 5.15
C VAL A 32 2.49 2.97 5.50
N ALA A 33 3.03 3.68 6.47
CA ALA A 33 2.45 4.96 6.90
C ALA A 33 2.48 5.99 5.78
N GLN A 34 3.57 6.02 5.02
CA GLN A 34 3.72 6.97 3.93
C GLN A 34 2.95 6.54 2.69
N VAL A 35 3.12 5.29 2.28
CA VAL A 35 2.45 4.76 1.12
C VAL A 35 0.94 4.87 1.29
N LYS A 36 0.46 4.50 2.48
CA LYS A 36 -0.95 4.56 2.79
C LYS A 36 -1.39 6.01 2.96
N ALA A 37 -0.47 6.88 3.36
CA ALA A 37 -0.79 8.29 3.52
C ALA A 37 -1.34 8.78 2.19
N MET A 38 -0.72 8.31 1.12
CA MET A 38 -1.16 8.65 -0.22
C MET A 38 -2.50 7.96 -0.47
N ILE A 39 -2.61 6.72 0.00
CA ILE A 39 -3.83 5.94 -0.16
C ILE A 39 -5.02 6.71 0.42
N GLU A 40 -4.78 7.49 1.48
CA GLU A 40 -5.82 8.28 2.10
C GLU A 40 -6.12 9.51 1.25
N THR A 41 -5.08 10.03 0.61
CA THR A 41 -5.22 11.20 -0.24
C THR A 41 -6.17 10.92 -1.41
N LYS A 42 -6.28 9.64 -1.78
CA LYS A 42 -7.15 9.24 -2.88
C LYS A 42 -8.44 8.57 -2.40
N THR A 43 -8.32 7.71 -1.39
CA THR A 43 -9.49 7.00 -0.85
C THR A 43 -10.10 7.77 0.32
N GLY A 44 -9.25 8.25 1.21
CA GLY A 44 -9.71 9.01 2.36
C GLY A 44 -9.84 8.16 3.61
N ILE A 45 -9.31 6.94 3.57
CA ILE A 45 -9.35 6.06 4.72
C ILE A 45 -8.25 6.41 5.71
N ILE A 46 -8.63 6.77 6.94
CA ILE A 46 -7.66 7.14 7.96
C ILE A 46 -6.69 5.98 8.24
N PRO A 47 -5.38 6.29 8.35
CA PRO A 47 -4.34 5.29 8.61
C PRO A 47 -4.68 4.36 9.76
N GLU A 48 -5.09 4.95 10.89
CA GLU A 48 -5.44 4.18 12.08
C GLU A 48 -6.45 3.08 11.80
N THR A 49 -7.09 3.11 10.64
CA THR A 49 -8.08 2.11 10.29
C THR A 49 -7.69 1.36 9.01
N GLN A 50 -6.79 1.95 8.23
CA GLN A 50 -6.33 1.36 6.99
C GLN A 50 -5.72 -0.03 7.22
N ILE A 51 -6.19 -1.00 6.45
CA ILE A 51 -5.69 -2.37 6.55
C ILE A 51 -5.23 -2.86 5.19
N VAL A 52 -3.93 -2.79 4.95
CA VAL A 52 -3.37 -3.24 3.70
C VAL A 52 -2.70 -4.59 3.88
N THR A 53 -2.63 -5.36 2.79
CA THR A 53 -2.02 -6.69 2.86
C THR A 53 -1.23 -7.04 1.63
N LEU A 54 -0.01 -7.49 1.87
CA LEU A 54 0.89 -7.92 0.82
C LEU A 54 0.69 -9.40 0.57
N ASN A 55 1.62 -10.04 -0.11
CA ASN A 55 1.52 -11.47 -0.37
C ASN A 55 1.43 -12.24 0.95
N GLY A 56 0.19 -12.56 1.34
CA GLY A 56 -0.04 -13.29 2.57
C GLY A 56 0.55 -12.60 3.79
N LYS A 57 1.01 -11.36 3.62
CA LYS A 57 1.60 -10.59 4.72
C LYS A 57 0.72 -9.41 5.09
N ARG A 58 0.77 -9.02 6.36
CA ARG A 58 -0.01 -7.87 6.83
C ARG A 58 0.88 -6.64 6.94
N LEU A 59 0.34 -5.50 6.53
CA LEU A 59 1.08 -4.25 6.58
C LEU A 59 1.04 -3.63 7.97
N GLU A 60 2.21 -3.52 8.58
CA GLU A 60 2.32 -2.98 9.92
C GLU A 60 2.91 -1.57 9.92
N ASP A 61 2.53 -0.77 10.92
CA ASP A 61 3.03 0.59 11.05
C ASP A 61 4.54 0.60 11.29
N GLY A 62 5.24 1.53 10.66
CA GLY A 62 6.68 1.61 10.82
C GLY A 62 7.41 0.64 9.91
N LYS A 63 6.68 -0.32 9.38
CA LYS A 63 7.24 -1.31 8.47
C LYS A 63 7.33 -0.76 7.06
N MET A 64 8.41 -1.10 6.36
CA MET A 64 8.60 -0.63 4.99
C MET A 64 8.18 -1.68 3.98
N MET A 65 7.91 -1.20 2.78
CA MET A 65 7.53 -2.10 1.68
C MET A 65 8.64 -3.11 1.46
N ALA A 66 9.88 -2.66 1.68
CA ALA A 66 11.04 -3.50 1.48
C ALA A 66 11.07 -4.64 2.47
N ASP A 67 10.48 -4.43 3.63
CA ASP A 67 10.42 -5.45 4.67
C ASP A 67 9.65 -6.66 4.16
N TYR A 68 8.77 -6.43 3.19
CA TYR A 68 7.95 -7.50 2.63
C TYR A 68 8.56 -8.02 1.34
N GLY A 69 9.78 -7.58 1.05
CA GLY A 69 10.46 -8.02 -0.15
C GLY A 69 9.60 -7.84 -1.38
N ILE A 70 8.91 -6.70 -1.45
CA ILE A 70 8.04 -6.43 -2.59
C ILE A 70 8.84 -6.18 -3.86
N ARG A 71 8.11 -6.06 -4.97
CA ARG A 71 8.73 -5.84 -6.26
C ARG A 71 8.16 -4.61 -6.95
N LYS A 72 8.80 -4.19 -8.03
CA LYS A 72 8.35 -3.04 -8.80
C LYS A 72 6.92 -3.26 -9.26
N GLY A 73 6.01 -2.44 -8.75
CA GLY A 73 4.61 -2.58 -9.12
C GLY A 73 4.00 -3.82 -8.48
N ASN A 74 4.19 -3.96 -7.17
CA ASN A 74 3.65 -5.11 -6.45
C ASN A 74 2.17 -4.92 -6.17
N LEU A 75 1.48 -6.02 -5.98
CA LEU A 75 0.05 -6.01 -5.70
C LEU A 75 -0.25 -5.68 -4.25
N LEU A 76 -1.09 -4.68 -4.03
CA LEU A 76 -1.48 -4.26 -2.69
C LEU A 76 -2.99 -4.31 -2.53
N PHE A 77 -3.46 -5.00 -1.51
CA PHE A 77 -4.89 -5.11 -1.27
C PHE A 77 -5.31 -4.18 -0.14
N LEU A 78 -6.15 -3.20 -0.46
CA LEU A 78 -6.62 -2.25 0.52
C LEU A 78 -7.86 -2.76 1.24
N ALA A 79 -7.93 -2.47 2.54
CA ALA A 79 -9.05 -2.89 3.37
C ALA A 79 -9.23 -1.95 4.55
N SER A 80 -10.32 -2.12 5.29
CA SER A 80 -10.58 -1.29 6.46
C SER A 80 -10.83 -2.16 7.69
N TYR A 81 -10.63 -1.57 8.86
CA TYR A 81 -10.82 -2.28 10.13
C TYR A 81 -12.15 -3.02 10.15
N SER A 82 -12.11 -4.31 10.49
CA SER A 82 -13.31 -5.13 10.55
C SER A 82 -13.11 -6.31 11.51
N ILE A 83 -11.91 -6.86 11.51
CA ILE A 83 -11.58 -8.00 12.37
C ILE A 83 -12.47 -9.19 12.07
N GLY A 84 -11.95 -10.14 11.30
CA GLY A 84 -12.71 -11.32 10.94
C GLY A 84 -12.64 -11.63 9.46
N GLY A 85 -13.77 -12.05 8.91
CA GLY A 85 -13.84 -12.37 7.49
C GLY A 85 -15.26 -12.57 7.01
N GLY A 1 6.92 9.93 -20.47
CA GLY A 1 6.83 8.46 -20.34
C GLY A 1 7.35 7.96 -19.00
N ALA A 2 6.68 8.39 -17.92
CA ALA A 2 7.06 7.99 -16.57
C ALA A 2 8.45 8.54 -16.20
N MET A 3 8.68 8.73 -14.91
CA MET A 3 9.96 9.24 -14.43
C MET A 3 10.30 8.65 -13.06
N GLY A 4 11.57 8.74 -12.69
CA GLY A 4 12.01 8.21 -11.41
C GLY A 4 12.98 7.05 -11.55
N ASP A 5 13.65 6.72 -10.47
CA ASP A 5 14.63 5.62 -10.47
C ASP A 5 14.63 4.89 -9.14
N GLU A 6 14.27 5.61 -8.08
CA GLU A 6 14.24 5.04 -6.74
C GLU A 6 12.84 4.51 -6.40
N GLU A 7 11.84 5.37 -6.59
CA GLU A 7 10.45 4.99 -6.31
C GLU A 7 10.02 3.83 -7.19
N LEU A 8 9.22 2.93 -6.63
CA LEU A 8 8.72 1.78 -7.37
C LEU A 8 7.21 1.86 -7.53
N PRO A 9 6.65 1.18 -8.56
CA PRO A 9 5.21 1.18 -8.83
C PRO A 9 4.45 0.26 -7.88
N LEU A 10 3.14 0.43 -7.83
CA LEU A 10 2.28 -0.39 -6.98
C LEU A 10 0.89 -0.53 -7.55
N PHE A 11 0.15 -1.48 -7.00
CA PHE A 11 -1.20 -1.77 -7.46
C PHE A 11 -2.19 -1.82 -6.29
N LEU A 12 -3.03 -0.80 -6.17
CA LEU A 12 -4.02 -0.76 -5.11
C LEU A 12 -5.30 -1.50 -5.53
N VAL A 13 -5.61 -2.57 -4.81
CA VAL A 13 -6.79 -3.37 -5.10
C VAL A 13 -7.75 -3.36 -3.91
N GLU A 14 -8.88 -2.69 -4.08
CA GLU A 14 -9.89 -2.59 -3.02
C GLU A 14 -10.54 -3.96 -2.76
N SER A 15 -10.51 -4.36 -1.48
CA SER A 15 -11.09 -5.65 -1.08
C SER A 15 -12.59 -5.69 -1.32
N GLY A 16 -13.29 -4.66 -0.90
CA GLY A 16 -14.73 -4.61 -1.08
C GLY A 16 -15.12 -4.68 -2.54
N ASP A 17 -14.34 -4.02 -3.40
CA ASP A 17 -14.61 -4.01 -4.83
C ASP A 17 -13.31 -4.02 -5.63
N GLU A 18 -13.00 -5.16 -6.22
CA GLU A 18 -11.78 -5.31 -7.00
C GLU A 18 -11.80 -4.37 -8.20
N ALA A 19 -12.98 -3.86 -8.53
CA ALA A 19 -13.13 -2.94 -9.65
C ALA A 19 -12.30 -1.68 -9.43
N LYS A 20 -12.16 -1.29 -8.18
CA LYS A 20 -11.38 -0.10 -7.83
C LYS A 20 -9.88 -0.39 -7.93
N ARG A 21 -9.25 0.11 -8.98
CA ARG A 21 -7.83 -0.09 -9.20
C ARG A 21 -7.09 1.23 -9.38
N HIS A 22 -6.01 1.40 -8.60
CA HIS A 22 -5.23 2.63 -8.65
C HIS A 22 -3.74 2.35 -8.49
N LEU A 23 -2.96 2.74 -9.50
CA LEU A 23 -1.51 2.54 -9.48
C LEU A 23 -0.82 3.71 -8.77
N LEU A 24 0.10 3.38 -7.87
CA LEU A 24 0.83 4.42 -7.14
C LEU A 24 2.34 4.19 -7.21
N GLN A 25 3.08 5.27 -7.40
CA GLN A 25 4.54 5.21 -7.49
C GLN A 25 5.18 5.67 -6.19
N VAL A 26 5.59 4.70 -5.40
CA VAL A 26 6.23 4.98 -4.11
C VAL A 26 7.36 3.98 -3.84
N ARG A 27 8.39 4.44 -3.13
CA ARG A 27 9.54 3.59 -2.80
C ARG A 27 9.15 2.45 -1.86
N ARG A 28 9.95 1.40 -1.88
CA ARG A 28 9.72 0.26 -1.01
C ARG A 28 10.19 0.58 0.38
N SER A 29 11.23 1.41 0.45
CA SER A 29 11.77 1.83 1.71
C SER A 29 10.74 2.71 2.37
N SER A 30 9.67 3.00 1.62
CA SER A 30 8.59 3.81 2.16
C SER A 30 7.77 2.98 3.11
N SER A 31 7.60 3.46 4.31
CA SER A 31 6.82 2.73 5.29
C SER A 31 5.34 2.87 5.01
N VAL A 32 4.59 1.84 5.36
CA VAL A 32 3.16 1.81 5.18
C VAL A 32 2.51 3.11 5.63
N ALA A 33 3.11 3.77 6.62
CA ALA A 33 2.57 5.02 7.12
C ALA A 33 2.54 6.11 6.05
N GLN A 34 3.63 6.25 5.30
CA GLN A 34 3.73 7.26 4.26
C GLN A 34 2.98 6.83 3.02
N VAL A 35 3.12 5.55 2.71
CA VAL A 35 2.48 4.97 1.55
C VAL A 35 0.96 5.08 1.67
N LYS A 36 0.45 4.66 2.83
CA LYS A 36 -0.96 4.73 3.12
C LYS A 36 -1.40 6.17 3.25
N ALA A 37 -0.46 7.05 3.63
CA ALA A 37 -0.77 8.46 3.73
C ALA A 37 -1.33 8.91 2.39
N MET A 38 -0.71 8.40 1.33
CA MET A 38 -1.16 8.67 -0.01
C MET A 38 -2.47 7.96 -0.25
N ILE A 39 -2.59 6.73 0.27
CA ILE A 39 -3.81 5.96 0.14
C ILE A 39 -5.01 6.77 0.62
N GLU A 40 -4.77 7.65 1.58
CA GLU A 40 -5.82 8.50 2.13
C GLU A 40 -6.08 9.66 1.17
N THR A 41 -5.00 10.16 0.57
CA THR A 41 -5.08 11.25 -0.38
C THR A 41 -6.00 10.89 -1.56
N LYS A 42 -6.16 9.59 -1.81
CA LYS A 42 -7.01 9.11 -2.90
C LYS A 42 -8.33 8.54 -2.40
N THR A 43 -8.27 7.65 -1.41
CA THR A 43 -9.49 7.04 -0.87
C THR A 43 -10.10 7.88 0.24
N GLY A 44 -9.24 8.45 1.07
CA GLY A 44 -9.71 9.29 2.16
C GLY A 44 -9.82 8.54 3.48
N ILE A 45 -9.49 7.26 3.47
CA ILE A 45 -9.54 6.45 4.69
C ILE A 45 -8.38 6.81 5.60
N ILE A 46 -8.66 6.95 6.89
CA ILE A 46 -7.62 7.30 7.86
C ILE A 46 -6.75 6.09 8.19
N PRO A 47 -5.44 6.33 8.43
CA PRO A 47 -4.48 5.27 8.76
C PRO A 47 -4.99 4.29 9.81
N GLU A 48 -5.54 4.82 10.89
CA GLU A 48 -6.05 4.01 12.00
C GLU A 48 -7.04 2.93 11.52
N THR A 49 -7.49 3.03 10.28
CA THR A 49 -8.43 2.07 9.73
C THR A 49 -7.83 1.35 8.52
N GLN A 50 -6.86 2.01 7.88
CA GLN A 50 -6.21 1.45 6.70
C GLN A 50 -5.51 0.14 7.01
N ILE A 51 -5.98 -0.93 6.38
CA ILE A 51 -5.39 -2.25 6.54
C ILE A 51 -5.03 -2.83 5.19
N VAL A 52 -3.77 -2.72 4.82
CA VAL A 52 -3.30 -3.24 3.55
C VAL A 52 -2.64 -4.60 3.77
N THR A 53 -2.60 -5.41 2.73
CA THR A 53 -1.99 -6.73 2.83
C THR A 53 -1.19 -7.08 1.59
N LEU A 54 0.08 -7.34 1.82
CA LEU A 54 0.99 -7.73 0.76
C LEU A 54 0.81 -9.21 0.48
N ASN A 55 1.74 -9.80 -0.24
CA ASN A 55 1.64 -11.22 -0.56
C ASN A 55 1.58 -12.05 0.72
N GLY A 56 0.35 -12.41 1.12
CA GLY A 56 0.14 -13.21 2.32
C GLY A 56 0.65 -12.54 3.58
N LYS A 57 1.11 -11.29 3.46
CA LYS A 57 1.63 -10.54 4.61
C LYS A 57 0.71 -9.37 4.93
N ARG A 58 0.69 -8.95 6.19
CA ARG A 58 -0.14 -7.82 6.58
C ARG A 58 0.73 -6.58 6.76
N LEU A 59 0.17 -5.44 6.45
CA LEU A 59 0.90 -4.17 6.53
C LEU A 59 0.82 -3.58 7.94
N GLU A 60 1.98 -3.52 8.58
CA GLU A 60 2.08 -3.00 9.94
C GLU A 60 2.65 -1.58 9.95
N ASP A 61 2.36 -0.85 11.02
CA ASP A 61 2.85 0.53 11.15
C ASP A 61 4.36 0.56 11.33
N GLY A 62 5.01 1.45 10.59
CA GLY A 62 6.46 1.55 10.67
C GLY A 62 7.17 0.58 9.74
N LYS A 63 6.45 -0.44 9.29
CA LYS A 63 6.99 -1.44 8.39
C LYS A 63 7.18 -0.86 6.99
N MET A 64 8.28 -1.22 6.34
CA MET A 64 8.55 -0.74 5.00
C MET A 64 8.18 -1.80 3.96
N MET A 65 7.84 -1.36 2.77
CA MET A 65 7.48 -2.30 1.70
C MET A 65 8.62 -3.29 1.50
N ALA A 66 9.85 -2.77 1.56
CA ALA A 66 11.04 -3.59 1.39
C ALA A 66 11.05 -4.72 2.41
N ASP A 67 10.52 -4.45 3.60
CA ASP A 67 10.45 -5.45 4.65
C ASP A 67 9.62 -6.65 4.19
N TYR A 68 8.73 -6.41 3.24
CA TYR A 68 7.87 -7.46 2.70
C TYR A 68 8.46 -8.07 1.44
N GLY A 69 9.67 -7.65 1.10
CA GLY A 69 10.32 -8.17 -0.08
C GLY A 69 9.46 -7.98 -1.32
N ILE A 70 8.84 -6.82 -1.43
CA ILE A 70 7.97 -6.52 -2.56
C ILE A 70 8.78 -6.34 -3.84
N ARG A 71 8.09 -5.98 -4.92
CA ARG A 71 8.74 -5.80 -6.21
C ARG A 71 8.18 -4.61 -6.97
N LYS A 72 8.78 -4.31 -8.11
CA LYS A 72 8.35 -3.20 -8.94
C LYS A 72 6.91 -3.42 -9.37
N GLY A 73 6.00 -2.57 -8.89
CA GLY A 73 4.61 -2.73 -9.22
C GLY A 73 4.01 -3.92 -8.51
N ASN A 74 4.26 -4.02 -7.21
CA ASN A 74 3.75 -5.12 -6.42
C ASN A 74 2.27 -4.95 -6.12
N LEU A 75 1.60 -6.07 -5.95
CA LEU A 75 0.16 -6.07 -5.66
C LEU A 75 -0.12 -5.72 -4.21
N LEU A 76 -1.02 -4.77 -4.00
CA LEU A 76 -1.41 -4.34 -2.67
C LEU A 76 -2.91 -4.43 -2.50
N PHE A 77 -3.36 -5.06 -1.43
CA PHE A 77 -4.79 -5.20 -1.17
C PHE A 77 -5.22 -4.27 -0.03
N LEU A 78 -6.03 -3.26 -0.38
CA LEU A 78 -6.50 -2.30 0.61
C LEU A 78 -7.74 -2.80 1.34
N ALA A 79 -7.81 -2.50 2.64
CA ALA A 79 -8.93 -2.90 3.48
C ALA A 79 -9.12 -1.90 4.62
N SER A 80 -10.21 -2.05 5.36
CA SER A 80 -10.50 -1.15 6.48
C SER A 80 -11.21 -1.88 7.62
N TYR A 81 -10.89 -1.48 8.85
CA TYR A 81 -11.51 -2.09 10.03
C TYR A 81 -13.03 -2.05 9.93
N SER A 82 -13.68 -2.97 10.63
CA SER A 82 -15.14 -3.04 10.63
C SER A 82 -15.73 -2.29 11.82
N ILE A 83 -16.90 -1.70 11.63
CA ILE A 83 -17.59 -0.95 12.68
C ILE A 83 -16.76 0.25 13.13
N GLY A 84 -15.83 0.01 14.05
CA GLY A 84 -14.99 1.08 14.54
C GLY A 84 -15.02 1.22 16.05
N GLY A 85 -15.54 2.34 16.53
CA GLY A 85 -15.64 2.57 17.96
C GLY A 85 -16.77 3.51 18.33
N GLY A 1 22.51 7.47 -15.07
CA GLY A 1 22.26 6.43 -16.10
C GLY A 1 22.33 5.02 -15.54
N ALA A 2 21.37 4.70 -14.67
CA ALA A 2 21.32 3.37 -14.06
C ALA A 2 19.88 2.90 -13.87
N MET A 3 19.13 3.62 -13.04
CA MET A 3 17.74 3.28 -12.76
C MET A 3 17.61 1.86 -12.22
N GLY A 4 17.54 1.74 -10.90
CA GLY A 4 17.42 0.43 -10.27
C GLY A 4 17.30 0.52 -8.76
N ASP A 5 17.19 1.75 -8.25
CA ASP A 5 17.07 1.97 -6.81
C ASP A 5 16.12 3.12 -6.52
N GLU A 6 15.49 3.64 -7.57
CA GLU A 6 14.56 4.75 -7.43
C GLU A 6 13.18 4.25 -7.00
N GLU A 7 12.19 5.13 -7.07
CA GLU A 7 10.82 4.80 -6.68
C GLU A 7 10.29 3.66 -7.55
N LEU A 8 9.48 2.79 -6.95
CA LEU A 8 8.90 1.67 -7.67
C LEU A 8 7.38 1.80 -7.74
N PRO A 9 6.75 1.23 -8.79
CA PRO A 9 5.30 1.29 -8.95
C PRO A 9 4.58 0.35 -7.98
N LEU A 10 3.26 0.49 -7.90
CA LEU A 10 2.45 -0.35 -7.03
C LEU A 10 1.03 -0.48 -7.55
N PHE A 11 0.31 -1.44 -7.01
CA PHE A 11 -1.07 -1.69 -7.43
C PHE A 11 -2.01 -1.73 -6.24
N LEU A 12 -3.05 -0.91 -6.27
CA LEU A 12 -4.03 -0.88 -5.19
C LEU A 12 -5.31 -1.58 -5.59
N VAL A 13 -5.63 -2.66 -4.87
CA VAL A 13 -6.83 -3.44 -5.14
C VAL A 13 -7.82 -3.33 -3.98
N GLU A 14 -9.00 -2.77 -4.26
CA GLU A 14 -10.02 -2.61 -3.23
C GLU A 14 -10.68 -3.96 -2.91
N SER A 15 -10.68 -4.31 -1.62
CA SER A 15 -11.26 -5.57 -1.18
C SER A 15 -12.73 -5.66 -1.55
N GLY A 16 -13.48 -4.60 -1.27
CA GLY A 16 -14.90 -4.59 -1.57
C GLY A 16 -15.17 -4.72 -3.06
N ASP A 17 -14.33 -4.07 -3.87
CA ASP A 17 -14.48 -4.11 -5.32
C ASP A 17 -13.12 -4.18 -6.00
N GLU A 18 -12.77 -5.35 -6.52
CA GLU A 18 -11.49 -5.53 -7.19
C GLU A 18 -11.40 -4.66 -8.44
N ALA A 19 -12.56 -4.16 -8.88
CA ALA A 19 -12.62 -3.32 -10.07
C ALA A 19 -11.86 -2.01 -9.85
N LYS A 20 -11.80 -1.57 -8.58
CA LYS A 20 -11.11 -0.34 -8.24
C LYS A 20 -9.60 -0.55 -8.25
N ARG A 21 -8.94 -0.06 -9.30
CA ARG A 21 -7.51 -0.19 -9.43
C ARG A 21 -6.81 1.16 -9.43
N HIS A 22 -5.76 1.28 -8.62
CA HIS A 22 -5.01 2.52 -8.52
C HIS A 22 -3.50 2.24 -8.42
N LEU A 23 -2.77 2.70 -9.43
CA LEU A 23 -1.32 2.50 -9.47
C LEU A 23 -0.61 3.71 -8.85
N LEU A 24 0.34 3.43 -7.96
CA LEU A 24 1.09 4.49 -7.32
C LEU A 24 2.59 4.22 -7.37
N GLN A 25 3.36 5.25 -7.69
CA GLN A 25 4.81 5.14 -7.78
C GLN A 25 5.47 5.63 -6.49
N VAL A 26 5.80 4.69 -5.63
CA VAL A 26 6.42 5.01 -4.35
C VAL A 26 7.55 4.04 -4.03
N ARG A 27 8.54 4.51 -3.27
CA ARG A 27 9.69 3.68 -2.90
C ARG A 27 9.29 2.52 -2.01
N ARG A 28 10.10 1.49 -2.01
CA ARG A 28 9.85 0.33 -1.18
C ARG A 28 10.23 0.65 0.25
N SER A 29 11.28 1.42 0.40
CA SER A 29 11.74 1.82 1.71
C SER A 29 10.71 2.73 2.33
N SER A 30 9.68 3.05 1.55
CA SER A 30 8.61 3.89 2.07
C SER A 30 7.81 3.13 3.11
N SER A 31 7.72 3.67 4.30
CA SER A 31 6.99 3.00 5.37
C SER A 31 5.51 3.00 5.05
N VAL A 32 4.85 1.91 5.44
CA VAL A 32 3.43 1.73 5.23
C VAL A 32 2.65 2.98 5.67
N ALA A 33 3.16 3.68 6.66
CA ALA A 33 2.50 4.88 7.18
C ALA A 33 2.48 6.01 6.15
N GLN A 34 3.58 6.20 5.45
CA GLN A 34 3.68 7.26 4.45
C GLN A 34 3.00 6.83 3.17
N VAL A 35 3.20 5.57 2.82
CA VAL A 35 2.63 5.00 1.62
C VAL A 35 1.10 5.06 1.69
N LYS A 36 0.57 4.59 2.81
CA LYS A 36 -0.85 4.60 3.05
C LYS A 36 -1.36 6.02 3.24
N ALA A 37 -0.48 6.91 3.70
CA ALA A 37 -0.87 8.30 3.85
C ALA A 37 -1.36 8.79 2.51
N MET A 38 -0.66 8.35 1.46
CA MET A 38 -1.05 8.68 0.10
C MET A 38 -2.35 7.98 -0.22
N ILE A 39 -2.45 6.72 0.23
CA ILE A 39 -3.65 5.93 0.01
C ILE A 39 -4.89 6.68 0.50
N GLU A 40 -4.72 7.50 1.54
CA GLU A 40 -5.81 8.29 2.07
C GLU A 40 -6.08 9.48 1.17
N THR A 41 -5.00 10.03 0.61
CA THR A 41 -5.10 11.16 -0.29
C THR A 41 -5.92 10.82 -1.53
N LYS A 42 -6.03 9.52 -1.83
CA LYS A 42 -6.80 9.06 -2.98
C LYS A 42 -8.13 8.43 -2.58
N THR A 43 -8.10 7.50 -1.63
CA THR A 43 -9.31 6.83 -1.17
C THR A 43 -10.01 7.61 -0.06
N GLY A 44 -9.21 8.14 0.86
CA GLY A 44 -9.76 8.92 1.96
C GLY A 44 -9.95 8.12 3.23
N ILE A 45 -9.48 6.88 3.23
CA ILE A 45 -9.59 6.03 4.41
C ILE A 45 -8.55 6.42 5.45
N ILE A 46 -9.00 6.76 6.65
CA ILE A 46 -8.08 7.15 7.72
C ILE A 46 -7.25 5.98 8.21
N PRO A 47 -5.95 6.23 8.49
CA PRO A 47 -5.00 5.20 8.96
C PRO A 47 -5.57 4.30 10.06
N GLU A 48 -6.17 4.92 11.07
CA GLU A 48 -6.74 4.20 12.21
C GLU A 48 -7.65 3.04 11.78
N THR A 49 -8.06 3.03 10.51
CA THR A 49 -8.92 1.98 9.99
C THR A 49 -8.25 1.25 8.83
N GLN A 50 -7.28 1.91 8.21
CA GLN A 50 -6.56 1.34 7.09
C GLN A 50 -5.95 -0.01 7.40
N ILE A 51 -6.42 -1.03 6.71
CA ILE A 51 -5.92 -2.39 6.86
C ILE A 51 -5.46 -2.90 5.51
N VAL A 52 -4.16 -2.82 5.27
CA VAL A 52 -3.59 -3.26 4.01
C VAL A 52 -2.89 -4.58 4.16
N THR A 53 -2.64 -5.21 3.03
CA THR A 53 -2.01 -6.52 3.01
C THR A 53 -1.20 -6.77 1.74
N LEU A 54 0.01 -7.24 1.96
CA LEU A 54 0.90 -7.60 0.87
C LEU A 54 0.71 -9.07 0.57
N ASN A 55 1.64 -9.66 -0.16
CA ASN A 55 1.56 -11.08 -0.48
C ASN A 55 1.41 -11.90 0.80
N GLY A 56 0.16 -12.23 1.14
CA GLY A 56 -0.12 -13.03 2.32
C GLY A 56 0.44 -12.45 3.61
N LYS A 57 0.99 -11.23 3.53
CA LYS A 57 1.56 -10.58 4.72
C LYS A 57 0.74 -9.36 5.13
N ARG A 58 0.62 -9.13 6.43
CA ARG A 58 -0.11 -7.97 6.93
C ARG A 58 0.82 -6.77 7.05
N LEU A 59 0.28 -5.59 6.78
CA LEU A 59 1.06 -4.36 6.84
C LEU A 59 1.06 -3.79 8.25
N GLU A 60 2.24 -3.73 8.85
CA GLU A 60 2.39 -3.24 10.22
C GLU A 60 2.86 -1.78 10.23
N ASP A 61 2.31 -1.01 11.16
CA ASP A 61 2.67 0.40 11.29
C ASP A 61 4.15 0.55 11.63
N GLY A 62 4.87 1.31 10.81
CA GLY A 62 6.28 1.51 11.03
C GLY A 62 7.15 0.69 10.10
N LYS A 63 6.67 -0.50 9.73
CA LYS A 63 7.42 -1.38 8.83
C LYS A 63 7.50 -0.76 7.44
N MET A 64 8.51 -1.15 6.67
CA MET A 64 8.66 -0.67 5.32
C MET A 64 8.12 -1.68 4.34
N MET A 65 7.65 -1.22 3.20
CA MET A 65 7.11 -2.12 2.19
C MET A 65 8.25 -2.97 1.63
N ALA A 66 9.47 -2.43 1.71
CA ALA A 66 10.65 -3.13 1.25
C ALA A 66 10.90 -4.35 2.11
N ASP A 67 10.47 -4.25 3.38
CA ASP A 67 10.62 -5.35 4.31
C ASP A 67 9.81 -6.56 3.83
N TYR A 68 8.80 -6.28 3.01
CA TYR A 68 7.94 -7.33 2.48
C TYR A 68 8.53 -7.91 1.20
N GLY A 69 9.76 -7.50 0.90
CA GLY A 69 10.43 -7.97 -0.29
C GLY A 69 9.56 -7.85 -1.52
N ILE A 70 8.85 -6.74 -1.62
CA ILE A 70 7.96 -6.51 -2.75
C ILE A 70 8.75 -6.26 -4.03
N ARG A 71 8.04 -6.00 -5.11
CA ARG A 71 8.67 -5.77 -6.40
C ARG A 71 8.07 -4.57 -7.10
N LYS A 72 8.65 -4.21 -8.24
CA LYS A 72 8.15 -3.11 -9.04
C LYS A 72 6.70 -3.38 -9.40
N GLY A 73 5.85 -2.42 -9.11
CA GLY A 73 4.44 -2.57 -9.38
C GLY A 73 3.88 -3.83 -8.73
N ASN A 74 4.16 -4.03 -7.44
CA ASN A 74 3.66 -5.19 -6.74
C ASN A 74 2.16 -5.06 -6.49
N LEU A 75 1.54 -6.16 -6.13
CA LEU A 75 0.11 -6.18 -5.86
C LEU A 75 -0.18 -5.88 -4.38
N LEU A 76 -1.08 -4.93 -4.15
CA LEU A 76 -1.47 -4.54 -2.80
C LEU A 76 -2.97 -4.64 -2.62
N PHE A 77 -3.40 -4.86 -1.38
CA PHE A 77 -4.82 -4.97 -1.08
C PHE A 77 -5.23 -3.99 0.03
N LEU A 78 -6.26 -3.21 -0.23
CA LEU A 78 -6.73 -2.23 0.74
C LEU A 78 -8.00 -2.72 1.45
N ALA A 79 -8.09 -2.44 2.74
CA ALA A 79 -9.23 -2.85 3.55
C ALA A 79 -9.41 -1.92 4.75
N SER A 80 -10.50 -2.08 5.47
CA SER A 80 -10.76 -1.25 6.66
C SER A 80 -11.32 -2.09 7.79
N TYR A 81 -11.12 -1.63 9.02
CA TYR A 81 -11.61 -2.33 10.20
C TYR A 81 -13.11 -2.60 10.10
N SER A 82 -13.84 -1.67 9.48
CA SER A 82 -15.27 -1.81 9.33
C SER A 82 -15.96 -1.96 10.68
N ILE A 83 -15.29 -1.48 11.73
CA ILE A 83 -15.82 -1.57 13.08
C ILE A 83 -16.00 -3.01 13.52
N GLY A 84 -15.05 -3.51 14.31
CA GLY A 84 -15.12 -4.88 14.78
C GLY A 84 -14.40 -5.08 16.10
N GLY A 85 -14.80 -6.11 16.84
CA GLY A 85 -14.17 -6.39 18.12
C GLY A 85 -15.09 -7.11 19.07
N GLY A 1 6.80 5.90 -19.57
CA GLY A 1 6.62 7.34 -19.22
C GLY A 1 6.66 7.59 -17.73
N ALA A 2 7.56 8.46 -17.29
CA ALA A 2 7.72 8.78 -15.88
C ALA A 2 8.08 7.56 -15.07
N MET A 3 9.36 7.43 -14.73
CA MET A 3 9.84 6.30 -13.94
C MET A 3 10.33 6.75 -12.57
N GLY A 4 11.40 7.54 -12.57
CA GLY A 4 11.96 8.03 -11.32
C GLY A 4 13.42 7.66 -11.16
N ASP A 5 13.73 6.96 -10.07
CA ASP A 5 15.11 6.54 -9.80
C ASP A 5 15.14 5.44 -8.74
N GLU A 6 14.56 5.72 -7.58
CA GLU A 6 14.53 4.76 -6.48
C GLU A 6 13.11 4.27 -6.22
N GLU A 7 12.13 5.15 -6.46
CA GLU A 7 10.73 4.81 -6.24
C GLU A 7 10.33 3.57 -7.03
N LEU A 8 9.17 3.01 -6.69
CA LEU A 8 8.65 1.82 -7.36
C LEU A 8 7.13 1.86 -7.43
N PRO A 9 6.54 1.42 -8.56
CA PRO A 9 5.08 1.44 -8.74
C PRO A 9 4.38 0.46 -7.81
N LEU A 10 3.07 0.62 -7.68
CA LEU A 10 2.27 -0.27 -6.83
C LEU A 10 0.85 -0.38 -7.35
N PHE A 11 0.13 -1.35 -6.82
CA PHE A 11 -1.25 -1.59 -7.24
C PHE A 11 -2.19 -1.67 -6.05
N LEU A 12 -2.99 -0.64 -5.85
CA LEU A 12 -3.95 -0.60 -4.77
C LEU A 12 -5.25 -1.27 -5.19
N VAL A 13 -5.45 -2.51 -4.77
CA VAL A 13 -6.66 -3.24 -5.12
C VAL A 13 -7.69 -3.20 -4.00
N GLU A 14 -8.77 -2.48 -4.22
CA GLU A 14 -9.84 -2.35 -3.22
C GLU A 14 -10.49 -3.71 -2.94
N SER A 15 -10.63 -4.04 -1.66
CA SER A 15 -11.23 -5.30 -1.25
C SER A 15 -12.72 -5.34 -1.58
N GLY A 16 -13.44 -4.31 -1.17
CA GLY A 16 -14.86 -4.26 -1.43
C GLY A 16 -15.19 -4.38 -2.92
N ASP A 17 -14.36 -3.74 -3.74
CA ASP A 17 -14.55 -3.78 -5.19
C ASP A 17 -13.20 -3.72 -5.90
N GLU A 18 -12.81 -4.85 -6.48
CA GLU A 18 -11.54 -4.93 -7.19
C GLU A 18 -11.47 -3.92 -8.32
N ALA A 19 -12.63 -3.49 -8.80
CA ALA A 19 -12.70 -2.51 -9.88
C ALA A 19 -12.14 -1.17 -9.44
N LYS A 20 -12.33 -0.83 -8.18
CA LYS A 20 -11.85 0.43 -7.63
C LYS A 20 -10.38 0.33 -7.23
N ARG A 21 -9.53 0.02 -8.19
CA ARG A 21 -8.09 -0.10 -7.93
C ARG A 21 -7.35 1.11 -8.49
N HIS A 22 -6.17 1.39 -7.93
CA HIS A 22 -5.38 2.55 -8.36
C HIS A 22 -3.88 2.28 -8.30
N LEU A 23 -3.17 2.58 -9.39
CA LEU A 23 -1.72 2.38 -9.45
C LEU A 23 -1.02 3.65 -8.97
N LEU A 24 -0.14 3.50 -8.00
CA LEU A 24 0.59 4.64 -7.45
C LEU A 24 2.07 4.34 -7.24
N GLN A 25 2.91 5.29 -7.61
CA GLN A 25 4.34 5.17 -7.44
C GLN A 25 4.78 5.61 -6.06
N VAL A 26 5.52 4.73 -5.39
CA VAL A 26 6.05 5.01 -4.05
C VAL A 26 7.29 4.18 -3.78
N ARG A 27 8.23 4.74 -3.04
CA ARG A 27 9.48 4.04 -2.71
C ARG A 27 9.18 2.78 -1.92
N ARG A 28 10.02 1.78 -2.07
CA ARG A 28 9.85 0.54 -1.33
C ARG A 28 10.19 0.76 0.12
N SER A 29 11.19 1.59 0.37
CA SER A 29 11.60 1.89 1.73
C SER A 29 10.54 2.70 2.43
N SER A 30 9.53 3.12 1.68
CA SER A 30 8.44 3.89 2.26
C SER A 30 7.66 3.05 3.25
N SER A 31 7.65 3.48 4.50
CA SER A 31 6.90 2.76 5.50
C SER A 31 5.43 2.79 5.14
N VAL A 32 4.72 1.73 5.52
CA VAL A 32 3.31 1.62 5.24
C VAL A 32 2.56 2.91 5.56
N ALA A 33 3.05 3.65 6.55
CA ALA A 33 2.42 4.90 6.95
C ALA A 33 2.47 5.96 5.85
N GLN A 34 3.59 5.99 5.11
CA GLN A 34 3.76 6.96 4.03
C GLN A 34 3.00 6.54 2.78
N VAL A 35 3.17 5.28 2.38
CA VAL A 35 2.52 4.77 1.20
C VAL A 35 1.00 4.87 1.37
N LYS A 36 0.53 4.55 2.56
CA LYS A 36 -0.88 4.62 2.88
C LYS A 36 -1.33 6.07 2.99
N ALA A 37 -0.39 6.94 3.37
CA ALA A 37 -0.69 8.36 3.49
C ALA A 37 -1.25 8.85 2.15
N MET A 38 -0.61 8.43 1.08
CA MET A 38 -1.06 8.79 -0.26
C MET A 38 -2.35 8.02 -0.56
N ILE A 39 -2.44 6.79 -0.05
CA ILE A 39 -3.64 5.99 -0.24
C ILE A 39 -4.85 6.74 0.28
N GLU A 40 -4.61 7.59 1.28
CA GLU A 40 -5.66 8.42 1.86
C GLU A 40 -5.92 9.62 0.96
N THR A 41 -4.86 10.10 0.34
CA THR A 41 -4.94 11.24 -0.56
C THR A 41 -5.88 10.90 -1.74
N LYS A 42 -6.05 9.61 -2.00
CA LYS A 42 -6.91 9.16 -3.09
C LYS A 42 -8.24 8.60 -2.57
N THR A 43 -8.17 7.71 -1.58
CA THR A 43 -9.37 7.11 -1.01
C THR A 43 -9.95 7.95 0.12
N GLY A 44 -9.08 8.43 1.00
CA GLY A 44 -9.51 9.25 2.12
C GLY A 44 -9.70 8.46 3.39
N ILE A 45 -9.28 7.21 3.39
CA ILE A 45 -9.39 6.36 4.57
C ILE A 45 -8.17 6.55 5.47
N ILE A 46 -8.41 6.92 6.72
CA ILE A 46 -7.33 7.15 7.68
C ILE A 46 -6.53 5.86 7.94
N PRO A 47 -5.20 5.98 8.10
CA PRO A 47 -4.30 4.85 8.35
C PRO A 47 -4.77 3.91 9.46
N GLU A 48 -5.13 4.50 10.60
CA GLU A 48 -5.58 3.72 11.76
C GLU A 48 -6.72 2.76 11.42
N THR A 49 -7.30 2.93 10.23
CA THR A 49 -8.39 2.06 9.79
C THR A 49 -8.03 1.32 8.51
N GLN A 50 -6.99 1.81 7.83
CA GLN A 50 -6.53 1.21 6.58
C GLN A 50 -5.69 -0.04 6.82
N ILE A 51 -6.25 -1.18 6.47
CA ILE A 51 -5.54 -2.44 6.59
C ILE A 51 -5.09 -2.95 5.24
N VAL A 52 -3.80 -2.78 4.93
CA VAL A 52 -3.26 -3.21 3.67
C VAL A 52 -2.62 -4.58 3.85
N THR A 53 -2.52 -5.34 2.77
CA THR A 53 -1.95 -6.68 2.83
C THR A 53 -1.11 -7.03 1.63
N LEU A 54 0.08 -7.50 1.90
CA LEU A 54 1.00 -7.93 0.87
C LEU A 54 0.80 -9.41 0.59
N ASN A 55 1.77 -10.03 -0.05
CA ASN A 55 1.66 -11.45 -0.34
C ASN A 55 1.49 -12.26 0.95
N GLY A 56 0.23 -12.59 1.25
CA GLY A 56 -0.07 -13.36 2.44
C GLY A 56 0.42 -12.71 3.73
N LYS A 57 0.87 -11.46 3.64
CA LYS A 57 1.37 -10.75 4.82
C LYS A 57 0.55 -9.50 5.12
N ARG A 58 0.56 -9.08 6.37
CA ARG A 58 -0.17 -7.89 6.79
C ARG A 58 0.77 -6.71 6.92
N LEU A 59 0.28 -5.53 6.58
CA LEU A 59 1.08 -4.30 6.66
C LEU A 59 1.03 -3.73 8.06
N GLU A 60 2.18 -3.70 8.72
CA GLU A 60 2.28 -3.21 10.09
C GLU A 60 2.87 -1.80 10.14
N ASP A 61 2.70 -1.14 11.29
CA ASP A 61 3.23 0.20 11.48
C ASP A 61 4.75 0.17 11.64
N GLY A 62 5.42 1.18 11.11
CA GLY A 62 6.87 1.25 11.20
C GLY A 62 7.53 0.30 10.21
N LYS A 63 6.75 -0.62 9.68
CA LYS A 63 7.22 -1.59 8.72
C LYS A 63 7.32 -0.96 7.33
N MET A 64 8.41 -1.19 6.63
CA MET A 64 8.58 -0.66 5.29
C MET A 64 8.10 -1.67 4.27
N MET A 65 7.63 -1.19 3.14
CA MET A 65 7.14 -2.08 2.10
C MET A 65 8.29 -2.94 1.58
N ALA A 66 9.50 -2.39 1.66
CA ALA A 66 10.70 -3.10 1.23
C ALA A 66 10.97 -4.28 2.14
N ASP A 67 10.54 -4.13 3.40
CA ASP A 67 10.72 -5.18 4.39
C ASP A 67 9.96 -6.43 3.98
N TYR A 68 8.94 -6.25 3.14
CA TYR A 68 8.12 -7.36 2.68
C TYR A 68 8.70 -7.94 1.40
N GLY A 69 9.90 -7.48 1.05
CA GLY A 69 10.55 -7.96 -0.16
C GLY A 69 9.64 -7.87 -1.37
N ILE A 70 8.90 -6.77 -1.47
CA ILE A 70 7.99 -6.58 -2.58
C ILE A 70 8.73 -6.37 -3.89
N ARG A 71 7.97 -6.20 -4.96
CA ARG A 71 8.54 -6.01 -6.29
C ARG A 71 8.00 -4.75 -6.93
N LYS A 72 8.67 -4.30 -8.00
CA LYS A 72 8.23 -3.14 -8.72
C LYS A 72 6.80 -3.34 -9.18
N GLY A 73 5.92 -2.44 -8.79
CA GLY A 73 4.53 -2.57 -9.15
C GLY A 73 3.89 -3.82 -8.53
N ASN A 74 4.12 -4.02 -7.24
CA ASN A 74 3.57 -5.17 -6.55
C ASN A 74 2.08 -4.97 -6.28
N LEU A 75 1.40 -6.07 -5.97
CA LEU A 75 -0.03 -6.03 -5.70
C LEU A 75 -0.32 -5.80 -4.23
N LEU A 76 -0.89 -4.63 -3.92
CA LEU A 76 -1.24 -4.28 -2.55
C LEU A 76 -2.75 -4.25 -2.38
N PHE A 77 -3.26 -5.07 -1.47
CA PHE A 77 -4.69 -5.13 -1.22
C PHE A 77 -5.09 -4.13 -0.13
N LEU A 78 -6.22 -3.46 -0.31
CA LEU A 78 -6.69 -2.49 0.67
C LEU A 78 -7.93 -2.99 1.40
N ALA A 79 -7.94 -2.76 2.71
CA ALA A 79 -9.05 -3.18 3.57
C ALA A 79 -9.30 -2.14 4.66
N SER A 80 -10.38 -2.28 5.40
CA SER A 80 -10.70 -1.34 6.47
C SER A 80 -11.43 -2.03 7.62
N TYR A 81 -11.23 -1.51 8.83
CA TYR A 81 -11.87 -2.05 10.02
C TYR A 81 -13.39 -1.95 9.92
N SER A 82 -14.08 -2.53 10.90
CA SER A 82 -15.54 -2.50 10.93
C SER A 82 -16.14 -3.20 9.71
N ILE A 83 -15.37 -4.11 9.12
CA ILE A 83 -15.83 -4.86 7.96
C ILE A 83 -15.74 -6.37 8.20
N GLY A 84 -14.52 -6.86 8.40
CA GLY A 84 -14.33 -8.27 8.63
C GLY A 84 -13.39 -8.55 9.79
N GLY A 85 -13.74 -9.55 10.60
CA GLY A 85 -12.91 -9.89 11.75
C GLY A 85 -11.86 -10.92 11.40
N GLY A 1 23.91 13.67 -15.28
CA GLY A 1 24.27 13.42 -13.85
C GLY A 1 23.05 13.21 -12.97
N ALA A 2 21.98 12.69 -13.56
CA ALA A 2 20.75 12.44 -12.81
C ALA A 2 20.71 11.01 -12.30
N MET A 3 20.52 10.87 -10.99
CA MET A 3 20.46 9.54 -10.36
C MET A 3 19.27 9.46 -9.40
N GLY A 4 18.32 8.60 -9.73
CA GLY A 4 17.15 8.44 -8.88
C GLY A 4 16.34 7.20 -9.23
N ASP A 5 15.08 7.40 -9.59
CA ASP A 5 14.20 6.30 -9.95
C ASP A 5 14.07 5.28 -8.82
N GLU A 6 14.38 5.73 -7.60
CA GLU A 6 14.32 4.86 -6.43
C GLU A 6 12.88 4.42 -6.17
N GLU A 7 11.93 5.27 -6.53
CA GLU A 7 10.51 4.96 -6.33
C GLU A 7 10.09 3.79 -7.21
N LEU A 8 9.12 3.01 -6.71
CA LEU A 8 8.62 1.86 -7.45
C LEU A 8 7.10 1.89 -7.54
N PRO A 9 6.53 1.40 -8.66
CA PRO A 9 5.08 1.38 -8.86
C PRO A 9 4.41 0.34 -7.95
N LEU A 10 3.09 0.42 -7.83
CA LEU A 10 2.34 -0.52 -7.01
C LEU A 10 0.91 -0.68 -7.51
N PHE A 11 0.25 -1.69 -6.99
CA PHE A 11 -1.12 -1.99 -7.37
C PHE A 11 -2.03 -2.07 -6.14
N LEU A 12 -2.90 -1.09 -5.98
CA LEU A 12 -3.82 -1.07 -4.85
C LEU A 12 -5.18 -1.62 -5.25
N VAL A 13 -5.45 -2.86 -4.85
CA VAL A 13 -6.71 -3.51 -5.19
C VAL A 13 -7.73 -3.36 -4.06
N GLU A 14 -8.79 -2.62 -4.33
CA GLU A 14 -9.83 -2.41 -3.32
C GLU A 14 -10.50 -3.73 -2.96
N SER A 15 -10.58 -4.00 -1.66
CA SER A 15 -11.19 -5.23 -1.17
C SER A 15 -12.67 -5.29 -1.52
N GLY A 16 -13.40 -4.23 -1.20
CA GLY A 16 -14.82 -4.20 -1.47
C GLY A 16 -15.13 -4.38 -2.95
N ASP A 17 -14.27 -3.80 -3.80
CA ASP A 17 -14.46 -3.90 -5.24
C ASP A 17 -13.11 -4.03 -5.94
N GLU A 18 -12.80 -5.25 -6.39
CA GLU A 18 -11.54 -5.52 -7.07
C GLU A 18 -11.40 -4.68 -8.34
N ALA A 19 -12.51 -4.08 -8.77
CA ALA A 19 -12.51 -3.26 -9.97
C ALA A 19 -11.97 -1.86 -9.69
N LYS A 20 -12.20 -1.36 -8.48
CA LYS A 20 -11.74 -0.03 -8.09
C LYS A 20 -10.31 -0.08 -7.54
N ARG A 21 -9.36 -0.37 -8.42
CA ARG A 21 -7.95 -0.43 -8.02
C ARG A 21 -7.23 0.83 -8.48
N HIS A 22 -6.07 1.11 -7.88
CA HIS A 22 -5.30 2.30 -8.22
C HIS A 22 -3.80 2.04 -8.22
N LEU A 23 -3.14 2.39 -9.32
CA LEU A 23 -1.69 2.22 -9.43
C LEU A 23 -0.99 3.44 -8.84
N LEU A 24 -0.10 3.21 -7.88
CA LEU A 24 0.61 4.31 -7.24
C LEU A 24 2.11 4.06 -7.18
N GLN A 25 2.86 5.11 -7.48
CA GLN A 25 4.32 5.06 -7.48
C GLN A 25 4.88 5.62 -6.18
N VAL A 26 5.48 4.73 -5.40
CA VAL A 26 6.06 5.12 -4.12
C VAL A 26 7.24 4.21 -3.78
N ARG A 27 8.25 4.77 -3.11
CA ARG A 27 9.44 4.01 -2.75
C ARG A 27 9.07 2.76 -1.99
N ARG A 28 9.86 1.72 -2.17
CA ARG A 28 9.64 0.48 -1.49
C ARG A 28 10.01 0.62 -0.02
N SER A 29 11.06 1.39 0.23
CA SER A 29 11.53 1.63 1.58
C SER A 29 10.52 2.49 2.32
N SER A 30 9.51 2.96 1.60
CA SER A 30 8.50 3.81 2.21
C SER A 30 7.69 3.01 3.22
N SER A 31 7.63 3.51 4.45
CA SER A 31 6.87 2.83 5.47
C SER A 31 5.39 2.95 5.19
N VAL A 32 4.65 1.90 5.55
CA VAL A 32 3.21 1.86 5.37
C VAL A 32 2.56 3.16 5.82
N ALA A 33 3.14 3.82 6.83
CA ALA A 33 2.59 5.06 7.34
C ALA A 33 2.58 6.17 6.28
N GLN A 34 3.68 6.31 5.55
CA GLN A 34 3.80 7.34 4.52
C GLN A 34 3.05 6.91 3.27
N VAL A 35 3.21 5.64 2.94
CA VAL A 35 2.57 5.08 1.77
C VAL A 35 1.05 5.21 1.90
N LYS A 36 0.54 4.92 3.08
CA LYS A 36 -0.89 5.03 3.35
C LYS A 36 -1.30 6.49 3.39
N ALA A 37 -0.36 7.36 3.75
CA ALA A 37 -0.65 8.78 3.79
C ALA A 37 -1.17 9.20 2.43
N MET A 38 -0.53 8.67 1.39
CA MET A 38 -0.98 8.95 0.02
C MET A 38 -2.25 8.16 -0.26
N ILE A 39 -2.34 6.95 0.31
CA ILE A 39 -3.54 6.14 0.12
C ILE A 39 -4.78 6.90 0.59
N GLU A 40 -4.59 7.78 1.56
CA GLU A 40 -5.67 8.60 2.08
C GLU A 40 -5.93 9.75 1.13
N THR A 41 -4.85 10.25 0.56
CA THR A 41 -4.92 11.35 -0.40
C THR A 41 -5.79 10.97 -1.59
N LYS A 42 -5.93 9.67 -1.84
CA LYS A 42 -6.74 9.19 -2.96
C LYS A 42 -8.08 8.59 -2.48
N THR A 43 -8.03 7.72 -1.48
CA THR A 43 -9.24 7.08 -0.97
C THR A 43 -9.89 7.93 0.13
N GLY A 44 -9.06 8.45 1.04
CA GLY A 44 -9.57 9.27 2.12
C GLY A 44 -9.78 8.49 3.40
N ILE A 45 -9.30 7.25 3.43
CA ILE A 45 -9.43 6.41 4.62
C ILE A 45 -8.26 6.64 5.57
N ILE A 46 -8.57 6.94 6.83
CA ILE A 46 -7.53 7.18 7.83
C ILE A 46 -6.74 5.91 8.13
N PRO A 47 -5.42 6.05 8.38
CA PRO A 47 -4.54 4.92 8.69
C PRO A 47 -5.09 3.99 9.76
N GLU A 48 -5.55 4.57 10.86
CA GLU A 48 -6.10 3.80 11.99
C GLU A 48 -7.14 2.78 11.55
N THR A 49 -7.64 2.90 10.32
CA THR A 49 -8.63 1.98 9.80
C THR A 49 -8.11 1.26 8.57
N GLN A 50 -7.14 1.88 7.91
CA GLN A 50 -6.54 1.33 6.71
C GLN A 50 -5.72 0.08 7.00
N ILE A 51 -6.14 -1.04 6.43
CA ILE A 51 -5.44 -2.30 6.60
C ILE A 51 -5.08 -2.90 5.24
N VAL A 52 -3.84 -2.73 4.83
CA VAL A 52 -3.39 -3.25 3.56
C VAL A 52 -2.68 -4.59 3.78
N THR A 53 -2.57 -5.38 2.72
CA THR A 53 -1.94 -6.69 2.82
C THR A 53 -1.16 -7.04 1.57
N LEU A 54 0.09 -7.44 1.80
CA LEU A 54 0.96 -7.85 0.73
C LEU A 54 0.82 -9.35 0.52
N ASN A 55 1.79 -9.96 -0.16
CA ASN A 55 1.74 -11.39 -0.42
C ASN A 55 1.60 -12.18 0.88
N GLY A 56 0.36 -12.56 1.21
CA GLY A 56 0.09 -13.33 2.41
C GLY A 56 0.56 -12.67 3.69
N LYS A 57 1.01 -11.43 3.59
CA LYS A 57 1.50 -10.69 4.76
C LYS A 57 0.66 -9.44 4.99
N ARG A 58 0.66 -8.92 6.21
CA ARG A 58 -0.10 -7.72 6.50
C ARG A 58 0.82 -6.52 6.70
N LEU A 59 0.31 -5.36 6.33
CA LEU A 59 1.08 -4.12 6.44
C LEU A 59 1.02 -3.57 7.86
N GLU A 60 2.18 -3.55 8.51
CA GLU A 60 2.25 -3.08 9.89
C GLU A 60 2.82 -1.66 9.97
N ASP A 61 2.37 -0.91 10.98
CA ASP A 61 2.83 0.46 11.18
C ASP A 61 4.33 0.49 11.42
N GLY A 62 5.01 1.47 10.82
CA GLY A 62 6.44 1.58 10.97
C GLY A 62 7.19 0.68 10.00
N LYS A 63 6.57 -0.44 9.66
CA LYS A 63 7.17 -1.39 8.73
C LYS A 63 7.23 -0.80 7.33
N MET A 64 8.26 -1.16 6.58
CA MET A 64 8.41 -0.68 5.22
C MET A 64 7.93 -1.73 4.25
N MET A 65 7.46 -1.28 3.10
CA MET A 65 7.00 -2.19 2.08
C MET A 65 8.17 -3.04 1.60
N ALA A 66 9.37 -2.49 1.76
CA ALA A 66 10.59 -3.18 1.33
C ALA A 66 10.83 -4.39 2.20
N ASP A 67 10.37 -4.31 3.46
CA ASP A 67 10.52 -5.40 4.40
C ASP A 67 9.74 -6.61 3.91
N TYR A 68 8.73 -6.36 3.07
CA TYR A 68 7.88 -7.41 2.54
C TYR A 68 8.48 -8.01 1.27
N GLY A 69 9.75 -7.68 1.02
CA GLY A 69 10.42 -8.19 -0.16
C GLY A 69 9.61 -8.03 -1.41
N ILE A 70 8.88 -6.93 -1.52
CA ILE A 70 8.05 -6.67 -2.69
C ILE A 70 8.89 -6.39 -3.93
N ARG A 71 8.21 -6.08 -5.01
CA ARG A 71 8.86 -5.79 -6.29
C ARG A 71 8.16 -4.64 -7.00
N LYS A 72 8.79 -4.13 -8.05
CA LYS A 72 8.20 -3.05 -8.83
C LYS A 72 6.78 -3.42 -9.22
N GLY A 73 5.88 -2.48 -9.07
CA GLY A 73 4.48 -2.71 -9.40
C GLY A 73 3.95 -3.98 -8.76
N ASN A 74 4.24 -4.19 -7.48
CA ASN A 74 3.75 -5.37 -6.79
C ASN A 74 2.25 -5.29 -6.56
N LEU A 75 1.67 -6.41 -6.14
CA LEU A 75 0.24 -6.47 -5.86
C LEU A 75 -0.05 -6.24 -4.38
N LEU A 76 -0.98 -5.34 -4.11
CA LEU A 76 -1.37 -5.03 -2.74
C LEU A 76 -2.89 -5.00 -2.62
N PHE A 77 -3.39 -5.30 -1.43
CA PHE A 77 -4.83 -5.30 -1.18
C PHE A 77 -5.19 -4.27 -0.12
N LEU A 78 -6.23 -3.48 -0.39
CA LEU A 78 -6.66 -2.45 0.54
C LEU A 78 -7.90 -2.89 1.31
N ALA A 79 -7.84 -2.80 2.64
CA ALA A 79 -8.95 -3.19 3.51
C ALA A 79 -9.15 -2.15 4.61
N SER A 80 -10.22 -2.30 5.36
CA SER A 80 -10.52 -1.37 6.46
C SER A 80 -11.41 -2.02 7.50
N TYR A 81 -11.27 -1.58 8.75
CA TYR A 81 -12.07 -2.11 9.86
C TYR A 81 -13.55 -2.09 9.51
N SER A 82 -14.15 -3.27 9.40
CA SER A 82 -15.57 -3.38 9.07
C SER A 82 -16.44 -2.90 10.22
N ILE A 83 -17.73 -2.73 9.94
CA ILE A 83 -18.70 -2.27 10.94
C ILE A 83 -18.51 -0.80 11.27
N GLY A 84 -17.29 -0.29 11.09
CA GLY A 84 -17.02 1.11 11.39
C GLY A 84 -16.00 1.26 12.50
N GLY A 85 -16.34 0.76 13.68
CA GLY A 85 -15.44 0.86 14.81
C GLY A 85 -15.12 -0.50 15.42
N GLY A 1 25.06 11.29 -10.14
CA GLY A 1 25.18 9.83 -9.86
C GLY A 1 24.68 9.46 -8.48
N ALA A 2 24.07 8.28 -8.36
CA ALA A 2 23.55 7.81 -7.09
C ALA A 2 23.72 6.31 -6.95
N MET A 3 23.18 5.75 -5.87
CA MET A 3 23.27 4.32 -5.61
C MET A 3 21.98 3.60 -5.96
N GLY A 4 20.87 4.09 -5.40
CA GLY A 4 19.58 3.48 -5.67
C GLY A 4 18.82 4.19 -6.78
N ASP A 5 17.52 3.94 -6.86
CA ASP A 5 16.68 4.54 -7.87
C ASP A 5 15.48 5.24 -7.24
N GLU A 6 14.66 5.89 -8.06
CA GLU A 6 13.48 6.60 -7.57
C GLU A 6 12.49 5.63 -6.93
N GLU A 7 11.29 6.13 -6.65
CA GLU A 7 10.25 5.32 -6.03
C GLU A 7 9.83 4.16 -6.94
N LEU A 8 9.11 3.20 -6.37
CA LEU A 8 8.66 2.03 -7.12
C LEU A 8 7.15 2.06 -7.34
N PRO A 9 6.64 1.28 -8.30
CA PRO A 9 5.22 1.23 -8.64
C PRO A 9 4.46 0.25 -7.74
N LEU A 10 3.13 0.40 -7.72
CA LEU A 10 2.29 -0.45 -6.91
C LEU A 10 0.90 -0.61 -7.52
N PHE A 11 0.16 -1.59 -7.03
CA PHE A 11 -1.18 -1.88 -7.52
C PHE A 11 -2.17 -1.93 -6.35
N LEU A 12 -3.02 -0.91 -6.24
CA LEU A 12 -4.01 -0.88 -5.17
C LEU A 12 -5.30 -1.58 -5.58
N VAL A 13 -5.62 -2.66 -4.88
CA VAL A 13 -6.83 -3.43 -5.16
C VAL A 13 -7.79 -3.36 -3.99
N GLU A 14 -8.90 -2.64 -4.18
CA GLU A 14 -9.90 -2.48 -3.14
C GLU A 14 -10.59 -3.81 -2.83
N SER A 15 -10.53 -4.21 -1.56
CA SER A 15 -11.15 -5.46 -1.12
C SER A 15 -12.66 -5.45 -1.35
N GLY A 16 -13.30 -4.34 -0.98
CA GLY A 16 -14.73 -4.24 -1.16
C GLY A 16 -15.16 -4.35 -2.60
N ASP A 17 -14.39 -3.72 -3.50
CA ASP A 17 -14.69 -3.76 -4.93
C ASP A 17 -13.40 -3.87 -5.74
N GLU A 18 -13.19 -5.04 -6.34
CA GLU A 18 -12.00 -5.28 -7.14
C GLU A 18 -11.95 -4.33 -8.34
N ALA A 19 -13.10 -3.75 -8.68
CA ALA A 19 -13.18 -2.82 -9.80
C ALA A 19 -12.34 -1.57 -9.53
N LYS A 20 -12.23 -1.19 -8.27
CA LYS A 20 -11.46 -0.02 -7.89
C LYS A 20 -9.96 -0.32 -7.94
N ARG A 21 -9.32 0.08 -9.03
CA ARG A 21 -7.89 -0.14 -9.21
C ARG A 21 -7.15 1.18 -9.38
N HIS A 22 -6.05 1.33 -8.65
CA HIS A 22 -5.26 2.56 -8.70
C HIS A 22 -3.76 2.30 -8.55
N LEU A 23 -2.99 2.60 -9.59
CA LEU A 23 -1.55 2.41 -9.56
C LEU A 23 -0.89 3.59 -8.86
N LEU A 24 -0.02 3.31 -7.90
CA LEU A 24 0.66 4.37 -7.16
C LEU A 24 2.17 4.20 -7.20
N GLN A 25 2.87 5.31 -7.39
CA GLN A 25 4.32 5.32 -7.44
C GLN A 25 4.92 5.83 -6.13
N VAL A 26 5.38 4.89 -5.32
CA VAL A 26 5.98 5.21 -4.04
C VAL A 26 7.14 4.26 -3.76
N ARG A 27 8.21 4.80 -3.21
CA ARG A 27 9.41 4.01 -2.90
C ARG A 27 9.05 2.77 -2.10
N ARG A 28 9.81 1.72 -2.33
CA ARG A 28 9.59 0.46 -1.62
C ARG A 28 10.02 0.61 -0.17
N SER A 29 11.09 1.37 0.03
CA SER A 29 11.60 1.62 1.37
C SER A 29 10.64 2.48 2.16
N SER A 30 9.65 3.04 1.46
CA SER A 30 8.67 3.90 2.12
C SER A 30 7.90 3.10 3.13
N SER A 31 7.82 3.60 4.35
CA SER A 31 7.09 2.90 5.39
C SER A 31 5.60 2.96 5.12
N VAL A 32 4.92 1.90 5.50
CA VAL A 32 3.48 1.79 5.33
C VAL A 32 2.76 3.07 5.77
N ALA A 33 3.32 3.75 6.76
CA ALA A 33 2.72 4.99 7.26
C ALA A 33 2.65 6.08 6.21
N GLN A 34 3.75 6.28 5.47
CA GLN A 34 3.82 7.31 4.45
C GLN A 34 3.10 6.85 3.19
N VAL A 35 3.29 5.59 2.88
CA VAL A 35 2.66 4.99 1.70
C VAL A 35 1.14 5.09 1.82
N LYS A 36 0.64 4.73 2.99
CA LYS A 36 -0.78 4.77 3.27
C LYS A 36 -1.25 6.21 3.32
N ALA A 37 -0.35 7.13 3.67
CA ALA A 37 -0.69 8.54 3.68
C ALA A 37 -1.20 8.90 2.29
N MET A 38 -0.52 8.35 1.29
CA MET A 38 -0.90 8.55 -0.10
C MET A 38 -2.24 7.86 -0.34
N ILE A 39 -2.38 6.67 0.24
CA ILE A 39 -3.60 5.89 0.10
C ILE A 39 -4.82 6.71 0.51
N GLU A 40 -4.67 7.55 1.53
CA GLU A 40 -5.75 8.40 1.99
C GLU A 40 -5.97 9.54 1.00
N THR A 41 -4.89 10.01 0.40
CA THR A 41 -4.96 11.08 -0.58
C THR A 41 -5.79 10.68 -1.80
N LYS A 42 -5.89 9.38 -2.05
CA LYS A 42 -6.66 8.87 -3.18
C LYS A 42 -8.00 8.26 -2.75
N THR A 43 -8.01 7.58 -1.61
CA THR A 43 -9.22 6.94 -1.11
C THR A 43 -9.91 7.80 -0.04
N GLY A 44 -9.12 8.32 0.87
CA GLY A 44 -9.65 9.16 1.93
C GLY A 44 -9.88 8.40 3.23
N ILE A 45 -9.54 7.12 3.23
CA ILE A 45 -9.70 6.30 4.43
C ILE A 45 -8.59 6.61 5.43
N ILE A 46 -8.96 6.93 6.66
CA ILE A 46 -7.99 7.27 7.69
C ILE A 46 -7.12 6.06 8.06
N PRO A 47 -5.83 6.30 8.35
CA PRO A 47 -4.88 5.26 8.72
C PRO A 47 -5.41 4.32 9.80
N GLU A 48 -5.96 4.91 10.86
CA GLU A 48 -6.50 4.15 12.00
C GLU A 48 -7.50 3.07 11.55
N THR A 49 -7.94 3.13 10.29
CA THR A 49 -8.88 2.16 9.77
C THR A 49 -8.28 1.41 8.58
N GLN A 50 -7.24 2.00 7.99
CA GLN A 50 -6.56 1.41 6.85
C GLN A 50 -5.94 0.06 7.19
N ILE A 51 -6.39 -0.99 6.51
CA ILE A 51 -5.85 -2.32 6.71
C ILE A 51 -5.46 -2.91 5.36
N VAL A 52 -4.17 -2.83 5.06
CA VAL A 52 -3.64 -3.34 3.81
C VAL A 52 -2.92 -4.66 4.01
N THR A 53 -2.68 -5.32 2.90
CA THR A 53 -2.01 -6.62 2.91
C THR A 53 -1.17 -6.88 1.68
N LEU A 54 0.03 -7.37 1.93
CA LEU A 54 0.95 -7.73 0.88
C LEU A 54 0.78 -9.21 0.59
N ASN A 55 1.72 -9.79 -0.15
CA ASN A 55 1.64 -11.21 -0.47
C ASN A 55 1.50 -12.05 0.81
N GLY A 56 0.26 -12.39 1.14
CA GLY A 56 -0.01 -13.20 2.33
C GLY A 56 0.42 -12.56 3.64
N LYS A 57 1.01 -11.36 3.56
CA LYS A 57 1.45 -10.66 4.77
C LYS A 57 0.58 -9.44 5.03
N ARG A 58 0.57 -8.96 6.27
CA ARG A 58 -0.21 -7.79 6.60
C ARG A 58 0.71 -6.59 6.78
N LEU A 59 0.17 -5.41 6.50
CA LEU A 59 0.95 -4.19 6.60
C LEU A 59 0.89 -3.62 8.02
N GLU A 60 2.04 -3.61 8.66
CA GLU A 60 2.16 -3.12 10.03
C GLU A 60 2.86 -1.76 10.07
N ASP A 61 2.40 -0.90 10.97
CA ASP A 61 2.97 0.43 11.13
C ASP A 61 4.46 0.36 11.46
N GLY A 62 5.24 1.25 10.86
CA GLY A 62 6.67 1.27 11.09
C GLY A 62 7.44 0.46 10.08
N LYS A 63 6.83 -0.63 9.60
CA LYS A 63 7.47 -1.49 8.62
C LYS A 63 7.50 -0.85 7.24
N MET A 64 8.51 -1.20 6.46
CA MET A 64 8.65 -0.69 5.11
C MET A 64 8.16 -1.70 4.09
N MET A 65 7.72 -1.23 2.93
CA MET A 65 7.26 -2.13 1.89
C MET A 65 8.38 -3.09 1.54
N ALA A 66 9.61 -2.56 1.57
CA ALA A 66 10.80 -3.35 1.27
C ALA A 66 10.94 -4.53 2.21
N ASP A 67 10.51 -4.34 3.46
CA ASP A 67 10.58 -5.39 4.46
C ASP A 67 9.77 -6.61 4.03
N TYR A 68 8.78 -6.38 3.18
CA TYR A 68 7.90 -7.44 2.70
C TYR A 68 8.46 -8.10 1.44
N GLY A 69 9.63 -7.65 1.01
CA GLY A 69 10.25 -8.20 -0.18
C GLY A 69 9.39 -7.99 -1.41
N ILE A 70 8.82 -6.79 -1.53
CA ILE A 70 7.99 -6.44 -2.66
C ILE A 70 8.78 -6.36 -3.96
N ARG A 71 8.10 -5.98 -5.04
CA ARG A 71 8.72 -5.85 -6.34
C ARG A 71 8.20 -4.62 -7.06
N LYS A 72 8.88 -4.23 -8.14
CA LYS A 72 8.46 -3.07 -8.92
C LYS A 72 7.02 -3.27 -9.39
N GLY A 73 6.10 -2.51 -8.82
CA GLY A 73 4.71 -2.67 -9.17
C GLY A 73 4.11 -3.90 -8.53
N ASN A 74 4.34 -4.05 -7.22
CA ASN A 74 3.82 -5.20 -6.51
C ASN A 74 2.33 -5.03 -6.21
N LEU A 75 1.66 -6.15 -5.99
CA LEU A 75 0.23 -6.14 -5.72
C LEU A 75 -0.05 -5.75 -4.27
N LEU A 76 -1.05 -4.89 -4.10
CA LEU A 76 -1.46 -4.41 -2.78
C LEU A 76 -2.96 -4.58 -2.62
N PHE A 77 -3.39 -4.95 -1.42
CA PHE A 77 -4.81 -5.12 -1.14
C PHE A 77 -5.25 -4.16 -0.04
N LEU A 78 -6.29 -3.38 -0.33
CA LEU A 78 -6.79 -2.41 0.63
C LEU A 78 -8.02 -2.95 1.38
N ALA A 79 -8.10 -2.62 2.66
CA ALA A 79 -9.20 -3.04 3.50
C ALA A 79 -9.41 -2.06 4.66
N SER A 80 -10.49 -2.23 5.41
CA SER A 80 -10.77 -1.35 6.53
C SER A 80 -11.33 -2.12 7.71
N TYR A 81 -11.18 -1.55 8.91
CA TYR A 81 -11.68 -2.16 10.13
C TYR A 81 -13.14 -2.60 9.99
N SER A 82 -13.90 -1.82 9.22
CA SER A 82 -15.32 -2.12 9.00
C SER A 82 -15.49 -3.30 8.05
N ILE A 83 -15.20 -3.06 6.77
CA ILE A 83 -15.33 -4.10 5.75
C ILE A 83 -13.98 -4.37 5.08
N GLY A 84 -13.61 -5.64 4.99
CA GLY A 84 -12.35 -6.01 4.37
C GLY A 84 -12.09 -7.50 4.43
N GLY A 85 -12.98 -8.29 3.84
CA GLY A 85 -12.83 -9.73 3.84
C GLY A 85 -14.15 -10.46 3.80
N GLY A 1 28.80 -0.19 -4.35
CA GLY A 1 27.88 -1.19 -4.94
C GLY A 1 26.43 -0.76 -4.90
N ALA A 2 25.55 -1.67 -4.53
CA ALA A 2 24.13 -1.38 -4.45
C ALA A 2 23.80 -0.60 -3.18
N MET A 3 23.29 0.62 -3.35
CA MET A 3 22.93 1.47 -2.21
C MET A 3 21.90 2.51 -2.62
N GLY A 4 21.78 2.74 -3.93
CA GLY A 4 20.82 3.71 -4.43
C GLY A 4 19.64 3.06 -5.11
N ASP A 5 18.46 3.67 -4.96
CA ASP A 5 17.25 3.15 -5.57
C ASP A 5 16.18 4.24 -5.65
N GLU A 6 15.43 4.25 -6.76
CA GLU A 6 14.37 5.23 -6.96
C GLU A 6 13.02 4.66 -6.58
N GLU A 7 11.98 5.48 -6.72
CA GLU A 7 10.63 5.07 -6.40
C GLU A 7 10.16 3.90 -7.28
N LEU A 8 9.27 3.08 -6.73
CA LEU A 8 8.75 1.93 -7.47
C LEU A 8 7.21 1.93 -7.46
N PRO A 9 6.59 1.58 -8.60
CA PRO A 9 5.13 1.54 -8.71
C PRO A 9 4.49 0.54 -7.76
N LEU A 10 3.17 0.62 -7.64
CA LEU A 10 2.41 -0.28 -6.79
C LEU A 10 0.99 -0.41 -7.30
N PHE A 11 0.28 -1.42 -6.79
CA PHE A 11 -1.09 -1.68 -7.21
C PHE A 11 -2.02 -1.73 -6.01
N LEU A 12 -3.12 -0.98 -6.08
CA LEU A 12 -4.10 -0.96 -5.01
C LEU A 12 -5.38 -1.67 -5.42
N VAL A 13 -5.65 -2.80 -4.77
CA VAL A 13 -6.84 -3.58 -5.04
C VAL A 13 -7.84 -3.47 -3.90
N GLU A 14 -8.95 -2.78 -4.14
CA GLU A 14 -9.98 -2.60 -3.13
C GLU A 14 -10.65 -3.93 -2.79
N SER A 15 -10.74 -4.23 -1.50
CA SER A 15 -11.36 -5.47 -1.03
C SER A 15 -12.83 -5.54 -1.42
N GLY A 16 -13.56 -4.47 -1.12
CA GLY A 16 -14.97 -4.45 -1.45
C GLY A 16 -15.22 -4.62 -2.94
N ASP A 17 -14.54 -3.82 -3.74
CA ASP A 17 -14.68 -3.90 -5.20
C ASP A 17 -13.31 -4.05 -5.86
N GLU A 18 -13.01 -5.29 -6.28
CA GLU A 18 -11.73 -5.58 -6.92
C GLU A 18 -11.58 -4.78 -8.21
N ALA A 19 -12.69 -4.22 -8.69
CA ALA A 19 -12.67 -3.42 -9.93
C ALA A 19 -11.90 -2.12 -9.73
N LYS A 20 -11.90 -1.62 -8.50
CA LYS A 20 -11.21 -0.37 -8.19
C LYS A 20 -9.71 -0.60 -8.12
N ARG A 21 -8.99 -0.07 -9.11
CA ARG A 21 -7.54 -0.21 -9.17
C ARG A 21 -6.85 1.14 -9.15
N HIS A 22 -5.80 1.24 -8.33
CA HIS A 22 -5.05 2.48 -8.20
C HIS A 22 -3.56 2.21 -8.14
N LEU A 23 -2.83 2.70 -9.14
CA LEU A 23 -1.38 2.51 -9.22
C LEU A 23 -0.65 3.72 -8.67
N LEU A 24 0.23 3.48 -7.69
CA LEU A 24 1.00 4.56 -7.09
C LEU A 24 2.49 4.25 -7.08
N GLN A 25 3.29 5.23 -7.48
CA GLN A 25 4.74 5.10 -7.53
C GLN A 25 5.41 5.59 -6.26
N VAL A 26 5.74 4.67 -5.38
CA VAL A 26 6.39 5.01 -4.11
C VAL A 26 7.53 4.05 -3.80
N ARG A 27 8.58 4.57 -3.18
CA ARG A 27 9.74 3.74 -2.84
C ARG A 27 9.36 2.56 -1.99
N ARG A 28 10.14 1.50 -2.11
CA ARG A 28 9.93 0.29 -1.35
C ARG A 28 10.31 0.53 0.10
N SER A 29 11.37 1.29 0.30
CA SER A 29 11.83 1.61 1.65
C SER A 29 10.83 2.51 2.33
N SER A 30 9.82 2.94 1.58
CA SER A 30 8.78 3.78 2.15
C SER A 30 8.02 3.00 3.20
N SER A 31 7.67 3.64 4.30
CA SER A 31 6.95 2.95 5.35
C SER A 31 5.48 2.90 5.01
N VAL A 32 4.83 1.82 5.39
CA VAL A 32 3.41 1.65 5.13
C VAL A 32 2.65 2.94 5.46
N ALA A 33 3.16 3.68 6.45
CA ALA A 33 2.54 4.92 6.88
C ALA A 33 2.55 6.01 5.79
N GLN A 34 3.65 6.13 5.06
CA GLN A 34 3.76 7.15 4.01
C GLN A 34 3.03 6.72 2.74
N VAL A 35 3.23 5.48 2.34
CA VAL A 35 2.58 4.96 1.14
C VAL A 35 1.06 5.00 1.31
N LYS A 36 0.60 4.63 2.50
CA LYS A 36 -0.81 4.65 2.83
C LYS A 36 -1.31 6.08 2.97
N ALA A 37 -0.41 6.99 3.36
CA ALA A 37 -0.79 8.38 3.50
C ALA A 37 -1.36 8.84 2.17
N MET A 38 -0.68 8.42 1.09
CA MET A 38 -1.13 8.71 -0.26
C MET A 38 -2.45 7.99 -0.49
N ILE A 39 -2.54 6.76 0.02
CA ILE A 39 -3.76 5.98 -0.11
C ILE A 39 -4.94 6.76 0.44
N GLU A 40 -4.69 7.54 1.49
CA GLU A 40 -5.73 8.36 2.11
C GLU A 40 -6.10 9.52 1.18
N THR A 41 -5.11 10.00 0.45
CA THR A 41 -5.34 11.09 -0.48
C THR A 41 -6.25 10.65 -1.63
N LYS A 42 -6.30 9.35 -1.88
CA LYS A 42 -7.13 8.81 -2.96
C LYS A 42 -8.38 8.10 -2.43
N THR A 43 -8.37 7.69 -1.17
CA THR A 43 -9.52 6.98 -0.58
C THR A 43 -10.07 7.75 0.62
N GLY A 44 -9.17 8.27 1.45
CA GLY A 44 -9.57 9.02 2.62
C GLY A 44 -9.59 8.18 3.88
N ILE A 45 -8.86 7.07 3.86
CA ILE A 45 -8.79 6.18 5.01
C ILE A 45 -7.50 6.43 5.79
N ILE A 46 -7.62 6.47 7.12
CA ILE A 46 -6.47 6.70 7.98
C ILE A 46 -5.67 5.41 8.18
N PRO A 47 -4.33 5.52 8.33
CA PRO A 47 -3.46 4.36 8.53
C PRO A 47 -3.89 3.47 9.69
N GLU A 48 -4.11 4.10 10.84
CA GLU A 48 -4.51 3.38 12.05
C GLU A 48 -5.71 2.46 11.81
N THR A 49 -6.43 2.68 10.71
CA THR A 49 -7.59 1.87 10.38
C THR A 49 -7.41 1.18 9.02
N GLN A 50 -6.43 1.66 8.26
CA GLN A 50 -6.12 1.13 6.95
C GLN A 50 -5.48 -0.25 7.03
N ILE A 51 -6.21 -1.27 6.63
CA ILE A 51 -5.68 -2.63 6.63
C ILE A 51 -5.23 -3.04 5.23
N VAL A 52 -3.93 -2.94 4.98
CA VAL A 52 -3.37 -3.33 3.71
C VAL A 52 -2.74 -4.70 3.84
N THR A 53 -2.59 -5.41 2.73
CA THR A 53 -2.02 -6.75 2.77
C THR A 53 -1.23 -7.08 1.52
N LEU A 54 0.05 -7.37 1.73
CA LEU A 54 0.93 -7.75 0.65
C LEU A 54 0.75 -9.25 0.39
N ASN A 55 1.72 -9.84 -0.29
CA ASN A 55 1.65 -11.26 -0.57
C ASN A 55 1.51 -12.07 0.71
N GLY A 56 0.27 -12.44 1.03
CA GLY A 56 -0.01 -13.22 2.23
C GLY A 56 0.46 -12.57 3.52
N LYS A 57 0.92 -11.32 3.45
CA LYS A 57 1.38 -10.62 4.65
C LYS A 57 0.54 -9.39 4.96
N ARG A 58 0.51 -9.02 6.23
CA ARG A 58 -0.25 -7.85 6.67
C ARG A 58 0.68 -6.65 6.83
N LEU A 59 0.18 -5.47 6.50
CA LEU A 59 0.98 -4.25 6.60
C LEU A 59 0.90 -3.64 8.00
N GLU A 60 2.05 -3.56 8.65
CA GLU A 60 2.13 -3.01 10.00
C GLU A 60 2.74 -1.62 10.00
N ASP A 61 2.22 -0.74 10.86
CA ASP A 61 2.72 0.62 10.96
C ASP A 61 4.19 0.63 11.38
N GLY A 62 4.96 1.53 10.78
CA GLY A 62 6.37 1.62 11.10
C GLY A 62 7.23 0.75 10.20
N LYS A 63 6.66 -0.34 9.72
CA LYS A 63 7.37 -1.26 8.84
C LYS A 63 7.47 -0.68 7.44
N MET A 64 8.48 -1.12 6.70
CA MET A 64 8.65 -0.66 5.33
C MET A 64 8.10 -1.69 4.36
N MET A 65 7.66 -1.22 3.20
CA MET A 65 7.12 -2.13 2.20
C MET A 65 8.25 -3.01 1.68
N ALA A 66 9.46 -2.49 1.77
CA ALA A 66 10.65 -3.20 1.34
C ALA A 66 10.88 -4.42 2.21
N ASP A 67 10.44 -4.33 3.47
CA ASP A 67 10.59 -5.42 4.42
C ASP A 67 9.75 -6.61 3.96
N TYR A 68 8.73 -6.34 3.15
CA TYR A 68 7.85 -7.39 2.65
C TYR A 68 8.41 -7.99 1.38
N GLY A 69 9.67 -7.67 1.09
CA GLY A 69 10.31 -8.20 -0.10
C GLY A 69 9.47 -8.03 -1.33
N ILE A 70 8.75 -6.92 -1.42
CA ILE A 70 7.91 -6.64 -2.56
C ILE A 70 8.73 -6.36 -3.81
N ARG A 71 8.03 -6.14 -4.92
CA ARG A 71 8.68 -5.86 -6.19
C ARG A 71 8.11 -4.61 -6.83
N LYS A 72 8.77 -4.12 -7.87
CA LYS A 72 8.30 -2.92 -8.57
C LYS A 72 6.92 -3.18 -9.13
N GLY A 73 5.99 -2.29 -8.81
CA GLY A 73 4.63 -2.45 -9.27
C GLY A 73 4.01 -3.74 -8.76
N ASN A 74 4.15 -3.99 -7.45
CA ASN A 74 3.61 -5.19 -6.85
C ASN A 74 2.11 -5.03 -6.56
N LEU A 75 1.53 -6.07 -5.98
CA LEU A 75 0.12 -6.08 -5.65
C LEU A 75 -0.13 -5.85 -4.17
N LEU A 76 -1.03 -4.92 -3.87
CA LEU A 76 -1.38 -4.60 -2.48
C LEU A 76 -2.89 -4.52 -2.31
N PHE A 77 -3.43 -5.30 -1.39
CA PHE A 77 -4.87 -5.31 -1.13
C PHE A 77 -5.22 -4.28 -0.06
N LEU A 78 -6.13 -3.37 -0.38
CA LEU A 78 -6.54 -2.33 0.56
C LEU A 78 -7.82 -2.70 1.28
N ALA A 79 -7.87 -2.36 2.58
CA ALA A 79 -9.03 -2.63 3.40
C ALA A 79 -9.13 -1.61 4.53
N SER A 80 -10.25 -1.62 5.26
CA SER A 80 -10.43 -0.68 6.36
C SER A 80 -11.42 -1.24 7.38
N TYR A 81 -11.20 -0.92 8.65
CA TYR A 81 -12.07 -1.37 9.72
C TYR A 81 -13.52 -1.02 9.44
N SER A 82 -14.40 -2.02 9.51
CA SER A 82 -15.83 -1.83 9.26
C SER A 82 -16.08 -1.10 7.95
N ILE A 83 -16.42 -1.86 6.90
CA ILE A 83 -16.68 -1.28 5.59
C ILE A 83 -17.73 -0.19 5.68
N GLY A 84 -18.74 -0.39 6.53
CA GLY A 84 -19.78 0.59 6.70
C GLY A 84 -20.15 0.83 8.15
N GLY A 85 -21.40 1.23 8.39
CA GLY A 85 -21.85 1.46 9.74
C GLY A 85 -23.11 2.32 9.79
#